data_4M5Y
#
_entry.id   4M5Y
#
_cell.length_a   90.573
_cell.length_b   99.983
_cell.length_c   144.333
_cell.angle_alpha   90.00
_cell.angle_beta   90.00
_cell.angle_gamma   90.00
#
_symmetry.space_group_name_H-M   'P 21 21 21'
#
loop_
_entity.id
_entity.type
_entity.pdbx_description
1 polymer 'Fab 5J8 heavy chain'
2 polymer 'Fab 5J8 light chain'
3 non-polymer DI(HYDROXYETHYL)ETHER
4 non-polymer 'TETRAETHYLENE GLYCOL'
5 water water
#
loop_
_entity_poly.entity_id
_entity_poly.type
_entity_poly.pdbx_seq_one_letter_code
_entity_poly.pdbx_strand_id
1 'polypeptide(L)'
;EVQLVESGPGLVKPSDILSLTCAVSGYSISSNYYWGWIRQPPGKGLEWIGSIYHSGSTYYKPSLESRLGISVDTSKNQFS
LKLSFVSAADTAVYYCARHVRSGYPDTAYYFDKWGQGTLVTVSSASTKGPSVFPLAPSSKSTSGGTAALGCLVKDYFPEP
VTVSWNSGALTSGVHTFPAVLQSSGLYSLSSVVTVPSSSLGTQTYICNVNHKPSNTKVDKRVEPKSCHHHHHH
;
H,I
2 'polypeptide(L)'
;SYVLTQPPSVSVAPGETARISCGGNNIGTKVLHWYQQTPGQAPVLVVYDDSDRPSGIPERFSGSNSGNTATLTISRVEVG
DEADYYCQVWDISTDQAVFGGGTKLTVLGQPKAAPSVTLFPPSSEELQANKATLVCLISDFYPGAVTVAWKADSSPVKAG
VETTTPSKQSNNKYAASSYLSLTPEQWKSHRSYSCQVTHEGSTVEKTVAPTECS
;
L,M
#
# COMPACT_ATOMS: atom_id res chain seq x y z
N GLU A 1 9.57 0.21 -7.43
CA GLU A 1 9.53 -1.13 -8.01
C GLU A 1 8.70 -1.20 -9.30
N VAL A 2 7.57 -0.48 -9.35
CA VAL A 2 6.82 -0.39 -10.61
C VAL A 2 7.45 0.68 -11.50
N GLN A 3 7.79 0.33 -12.73
CA GLN A 3 8.37 1.29 -13.66
C GLN A 3 7.63 1.24 -14.97
N LEU A 4 7.59 2.36 -15.67
CA LEU A 4 6.95 2.45 -16.97
C LEU A 4 7.92 3.12 -17.91
N VAL A 5 7.96 2.66 -19.17
CA VAL A 5 8.90 3.23 -20.14
C VAL A 5 8.17 3.39 -21.49
N GLU A 6 8.14 4.63 -21.99
CA GLU A 6 7.56 4.93 -23.30
C GLU A 6 8.57 4.67 -24.41
N SER A 7 8.08 4.22 -25.56
CA SER A 7 8.92 4.08 -26.76
C SER A 7 8.12 4.34 -28.01
N GLY A 8 8.83 4.72 -29.07
CA GLY A 8 8.22 4.92 -30.36
C GLY A 8 8.89 6.07 -31.09
N PRO A 9 8.46 6.34 -32.32
CA PRO A 9 9.15 7.33 -33.15
C PRO A 9 9.10 8.72 -32.54
N GLY A 10 10.18 9.46 -32.73
CA GLY A 10 10.25 10.82 -32.25
C GLY A 10 9.80 11.85 -33.26
N LEU A 11 9.43 11.41 -34.47
CA LEU A 11 9.02 12.32 -35.54
C LEU A 11 7.84 11.71 -36.29
N VAL A 12 6.77 12.49 -36.47
CA VAL A 12 5.58 12.05 -37.20
C VAL A 12 5.21 13.16 -38.16
N LYS A 13 4.84 12.81 -39.40
CA LYS A 13 4.43 13.84 -40.37
C LYS A 13 3.01 14.30 -40.05
N PRO A 14 2.71 15.58 -40.34
CA PRO A 14 1.32 16.06 -40.17
C PRO A 14 0.36 15.17 -40.94
N SER A 15 -0.78 14.93 -40.29
CA SER A 15 -1.90 14.13 -40.82
C SER A 15 -1.71 12.62 -40.73
N ASP A 16 -0.53 12.19 -40.28
CA ASP A 16 -0.27 10.76 -40.08
C ASP A 16 -0.61 10.36 -38.64
N ILE A 17 -0.35 9.08 -38.30
CA ILE A 17 -0.67 8.51 -37.00
C ILE A 17 0.57 8.49 -36.13
N LEU A 18 0.41 9.02 -34.92
CA LEU A 18 1.44 8.96 -33.89
C LEU A 18 1.21 7.70 -33.06
N SER A 19 2.22 6.84 -32.99
CA SER A 19 2.11 5.60 -32.23
CA SER A 19 2.12 5.59 -32.24
C SER A 19 3.18 5.52 -31.15
N LEU A 20 2.77 5.16 -29.93
CA LEU A 20 3.73 4.94 -28.86
C LEU A 20 3.34 3.67 -28.12
N THR A 21 4.34 3.07 -27.45
N THR A 21 4.33 3.02 -27.50
CA THR A 21 4.11 1.90 -26.60
CA THR A 21 4.02 1.94 -26.59
C THR A 21 4.69 2.14 -25.21
C THR A 21 4.54 2.30 -25.22
N CYS A 22 3.99 1.64 -24.19
CA CYS A 22 4.49 1.74 -22.81
C CYS A 22 4.76 0.31 -22.31
N ALA A 23 6.00 0.04 -21.91
CA ALA A 23 6.35 -1.23 -21.31
C ALA A 23 6.33 -1.08 -19.80
N VAL A 24 5.57 -1.94 -19.12
CA VAL A 24 5.49 -1.92 -17.66
C VAL A 24 6.38 -2.99 -17.03
N SER A 25 7.03 -2.63 -15.91
CA SER A 25 7.86 -3.57 -15.16
C SER A 25 7.50 -3.49 -13.69
N GLY A 26 7.52 -4.61 -12.98
CA GLY A 26 7.30 -4.60 -11.55
C GLY A 26 5.86 -4.82 -11.12
N TYR A 27 4.96 -4.98 -12.08
CA TYR A 27 3.55 -5.20 -11.79
C TYR A 27 2.91 -5.70 -13.08
N SER A 28 1.99 -6.66 -12.99
CA SER A 28 1.32 -7.14 -14.20
C SER A 28 0.06 -6.35 -14.49
N ILE A 29 -0.05 -5.82 -15.71
CA ILE A 29 -1.24 -5.07 -16.11
C ILE A 29 -2.50 -5.92 -15.93
N SER A 30 -2.37 -7.20 -16.20
CA SER A 30 -3.50 -8.14 -16.04
C SER A 30 -4.04 -8.21 -14.62
N SER A 31 -3.26 -7.78 -13.64
CA SER A 31 -3.71 -7.87 -12.24
C SER A 31 -4.63 -6.76 -11.80
N ASN A 32 -4.37 -5.55 -12.26
CA ASN A 32 -5.12 -4.40 -11.76
C ASN A 32 -4.71 -3.11 -12.43
N TYR A 33 -5.45 -2.07 -12.04
CA TYR A 33 -5.21 -0.66 -12.37
C TYR A 33 -5.66 -0.30 -13.77
N TYR A 34 -5.90 0.99 -13.99
CA TYR A 34 -5.94 1.54 -15.34
C TYR A 34 -4.55 2.02 -15.72
N TRP A 35 -4.31 2.14 -17.03
CA TRP A 35 -2.97 2.45 -17.55
C TRP A 35 -3.20 3.44 -18.67
N GLY A 36 -2.51 4.58 -18.65
CA GLY A 36 -2.87 5.60 -19.59
C GLY A 36 -1.76 6.58 -19.92
N TRP A 37 -2.19 7.66 -20.56
CA TRP A 37 -1.26 8.57 -21.25
C TRP A 37 -1.61 10.01 -20.89
N ILE A 38 -0.56 10.81 -20.66
CA ILE A 38 -0.67 12.23 -20.36
C ILE A 38 0.42 12.90 -21.20
N ARG A 39 0.15 14.07 -21.73
CA ARG A 39 1.19 14.73 -22.53
C ARG A 39 1.40 16.17 -22.10
N GLN A 40 2.50 16.75 -22.57
CA GLN A 40 2.84 18.12 -22.20
C GLN A 40 3.54 18.75 -23.39
N PRO A 41 2.83 19.63 -24.10
CA PRO A 41 3.49 20.40 -25.15
C PRO A 41 4.58 21.24 -24.56
N PRO A 42 5.61 21.55 -25.36
CA PRO A 42 6.72 22.37 -24.86
C PRO A 42 6.25 23.66 -24.22
N GLY A 43 6.65 23.86 -22.96
CA GLY A 43 6.33 25.06 -22.22
C GLY A 43 4.90 25.20 -21.74
N LYS A 44 4.10 24.14 -21.88
CA LYS A 44 2.69 24.19 -21.47
C LYS A 44 2.38 23.22 -20.35
N GLY A 45 1.11 23.16 -19.98
CA GLY A 45 0.69 22.30 -18.88
C GLY A 45 0.45 20.86 -19.28
N LEU A 46 0.04 20.07 -18.29
CA LEU A 46 -0.27 18.66 -18.51
C LEU A 46 -1.68 18.52 -19.09
N GLU A 47 -1.82 17.55 -19.98
CA GLU A 47 -3.09 17.23 -20.64
C GLU A 47 -3.29 15.71 -20.60
N TRP A 48 -4.38 15.25 -19.99
CA TRP A 48 -4.67 13.84 -19.98
C TRP A 48 -5.22 13.42 -21.33
N ILE A 49 -4.82 12.23 -21.78
CA ILE A 49 -5.23 11.71 -23.09
C ILE A 49 -6.23 10.56 -23.00
N GLY A 50 -5.94 9.55 -22.19
CA GLY A 50 -6.84 8.42 -22.08
C GLY A 50 -6.21 7.29 -21.30
N SER A 51 -7.01 6.26 -21.06
CA SER A 51 -6.53 5.12 -20.29
C SER A 51 -7.26 3.84 -20.66
N ILE A 52 -6.70 2.72 -20.20
CA ILE A 52 -7.24 1.39 -20.54
C ILE A 52 -7.07 0.44 -19.36
N TYR A 53 -7.98 -0.53 -19.29
CA TYR A 53 -7.96 -1.57 -18.26
C TYR A 53 -7.60 -2.88 -18.95
N HIS A 54 -7.17 -3.91 -18.23
CA HIS A 54 -6.73 -5.14 -18.90
C HIS A 54 -7.82 -5.83 -19.71
N SER A 55 -9.08 -5.53 -19.40
CA SER A 55 -10.20 -6.12 -20.12
C SER A 55 -10.35 -5.51 -21.51
N GLY A 56 -9.70 -4.38 -21.73
CA GLY A 56 -9.85 -3.65 -22.99
C GLY A 56 -10.74 -2.41 -22.86
N SER A 57 -11.42 -2.25 -21.72
CA SER A 57 -12.26 -1.08 -21.55
CA SER A 57 -12.26 -1.08 -21.49
C SER A 57 -11.41 0.19 -21.46
N THR A 58 -11.88 1.24 -22.13
CA THR A 58 -11.11 2.48 -22.24
C THR A 58 -11.88 3.72 -21.80
N TYR A 59 -11.12 4.75 -21.42
CA TYR A 59 -11.64 6.10 -21.27
C TYR A 59 -10.77 6.96 -22.16
N TYR A 60 -11.41 7.78 -23.02
CA TYR A 60 -10.69 8.68 -23.90
C TYR A 60 -11.05 10.12 -23.59
N LYS A 61 -10.09 11.03 -23.70
CA LYS A 61 -10.41 12.45 -23.58
C LYS A 61 -11.45 12.80 -24.65
N PRO A 62 -12.60 13.38 -24.28
CA PRO A 62 -13.64 13.63 -25.27
C PRO A 62 -13.21 14.42 -26.50
N SER A 63 -12.37 15.43 -26.31
CA SER A 63 -11.92 16.25 -27.43
C SER A 63 -11.02 15.49 -28.40
N LEU A 64 -10.45 14.37 -27.96
CA LEU A 64 -9.52 13.61 -28.79
C LEU A 64 -10.13 12.28 -29.21
N GLU A 65 -11.30 11.95 -28.69
CA GLU A 65 -11.83 10.59 -28.84
C GLU A 65 -11.91 10.12 -30.30
N SER A 66 -12.29 11.03 -31.20
CA SER A 66 -12.43 10.71 -32.62
C SER A 66 -11.12 10.30 -33.28
N ARG A 67 -10.00 10.69 -32.67
CA ARG A 67 -8.66 10.51 -33.23
C ARG A 67 -7.83 9.53 -32.41
N LEU A 68 -8.42 8.90 -31.41
CA LEU A 68 -7.62 8.15 -30.43
C LEU A 68 -7.91 6.68 -30.45
N GLY A 69 -6.86 5.90 -30.29
CA GLY A 69 -7.02 4.51 -29.93
C GLY A 69 -5.98 4.16 -28.88
N ILE A 70 -6.39 3.38 -27.89
CA ILE A 70 -5.48 2.85 -26.88
C ILE A 70 -5.75 1.36 -26.85
N SER A 71 -4.67 0.58 -26.83
CA SER A 71 -4.80 -0.86 -26.78
CA SER A 71 -4.77 -0.86 -26.81
C SER A 71 -3.91 -1.42 -25.68
N VAL A 72 -4.20 -2.66 -25.29
CA VAL A 72 -3.43 -3.30 -24.23
C VAL A 72 -3.07 -4.71 -24.64
N ASP A 73 -1.85 -5.12 -24.30
CA ASP A 73 -1.42 -6.47 -24.58
C ASP A 73 -0.91 -7.06 -23.28
N THR A 74 -1.78 -7.73 -22.56
CA THR A 74 -1.39 -8.29 -21.28
C THR A 74 -0.32 -9.36 -21.42
N SER A 75 -0.28 -10.07 -22.56
CA SER A 75 0.71 -11.13 -22.73
C SER A 75 2.15 -10.60 -22.78
N LYS A 76 2.29 -9.35 -23.18
CA LYS A 76 3.59 -8.72 -23.29
C LYS A 76 3.76 -7.63 -22.22
N ASN A 77 2.76 -7.49 -21.34
CA ASN A 77 2.77 -6.46 -20.29
C ASN A 77 3.08 -5.09 -20.86
N GLN A 78 2.31 -4.70 -21.87
CA GLN A 78 2.50 -3.38 -22.47
C GLN A 78 1.15 -2.81 -22.87
N PHE A 79 1.09 -1.50 -23.10
CA PHE A 79 -0.11 -0.91 -23.68
C PHE A 79 0.33 0.18 -24.63
N SER A 80 -0.56 0.67 -25.49
CA SER A 80 -0.10 1.52 -26.58
CA SER A 80 -0.11 1.49 -26.61
C SER A 80 -1.08 2.63 -26.88
N LEU A 81 -0.59 3.63 -27.60
CA LEU A 81 -1.34 4.82 -27.96
C LEU A 81 -1.28 4.99 -29.46
N LYS A 82 -2.41 5.33 -30.07
CA LYS A 82 -2.41 5.74 -31.47
C LYS A 82 -3.24 7.00 -31.56
N LEU A 83 -2.64 8.07 -32.07
CA LEU A 83 -3.33 9.35 -32.20
C LEU A 83 -3.27 9.72 -33.69
N SER A 84 -4.43 9.78 -34.34
CA SER A 84 -4.44 10.05 -35.78
CA SER A 84 -4.47 10.04 -35.78
C SER A 84 -4.52 11.53 -36.12
N PHE A 85 -4.31 11.82 -37.40
CA PHE A 85 -4.48 13.17 -37.97
C PHE A 85 -3.73 14.23 -37.17
N VAL A 86 -2.46 13.98 -36.92
CA VAL A 86 -1.73 14.88 -36.02
CA VAL A 86 -1.67 14.82 -36.05
C VAL A 86 -1.35 16.18 -36.69
N SER A 87 -1.13 17.20 -35.86
CA SER A 87 -0.62 18.51 -36.31
C SER A 87 0.44 18.94 -35.31
N ALA A 88 1.04 20.10 -35.56
CA ALA A 88 2.02 20.67 -34.63
C ALA A 88 1.51 20.82 -33.21
N ALA A 89 0.19 20.91 -33.04
CA ALA A 89 -0.40 20.98 -31.71
C ALA A 89 -0.18 19.69 -30.91
N ASP A 90 0.18 18.63 -31.63
CA ASP A 90 0.40 17.35 -30.96
C ASP A 90 1.87 17.08 -30.65
N THR A 91 2.75 18.02 -31.02
CA THR A 91 4.13 17.94 -30.56
C THR A 91 4.15 18.11 -29.06
N ALA A 92 4.75 17.14 -28.37
CA ALA A 92 4.68 17.13 -26.91
C ALA A 92 5.56 16.05 -26.36
N VAL A 93 5.83 16.14 -25.06
CA VAL A 93 6.37 14.99 -24.34
C VAL A 93 5.17 14.16 -23.92
N TYR A 94 5.22 12.87 -24.25
CA TYR A 94 4.17 11.91 -23.91
C TYR A 94 4.62 11.04 -22.76
N TYR A 95 3.81 11.00 -21.70
CA TYR A 95 4.08 10.16 -20.53
C TYR A 95 3.07 9.03 -20.46
N CYS A 96 3.53 7.84 -20.12
CA CYS A 96 2.57 6.85 -19.65
C CYS A 96 2.54 6.83 -18.13
N ALA A 97 1.41 6.42 -17.57
CA ALA A 97 1.23 6.50 -16.10
C ALA A 97 0.24 5.48 -15.62
N ARG A 98 0.51 4.94 -14.42
CA ARG A 98 -0.45 4.05 -13.77
C ARG A 98 -1.55 4.90 -13.16
N HIS A 99 -2.78 4.52 -13.43
CA HIS A 99 -3.98 5.22 -12.94
C HIS A 99 -4.56 4.40 -11.79
N VAL A 100 -4.53 4.97 -10.59
CA VAL A 100 -5.03 4.28 -9.40
C VAL A 100 -6.45 4.73 -9.16
N ARG A 101 -7.36 3.77 -8.97
CA ARG A 101 -8.73 4.10 -8.57
C ARG A 101 -8.75 4.42 -7.08
N SER A 102 -9.25 5.61 -6.74
CA SER A 102 -9.37 6.01 -5.33
C SER A 102 -10.31 5.08 -4.58
N GLY A 103 -10.02 4.86 -3.31
CA GLY A 103 -10.89 4.13 -2.43
C GLY A 103 -12.17 4.88 -2.04
N TYR A 104 -12.26 6.17 -2.37
CA TYR A 104 -13.49 6.94 -2.13
C TYR A 104 -14.63 6.42 -3.02
N PRO A 105 -15.89 6.69 -2.63
CA PRO A 105 -17.04 6.10 -3.34
C PRO A 105 -17.20 6.57 -4.80
N ASP A 106 -17.22 7.87 -5.05
CA ASP A 106 -17.39 8.34 -6.41
C ASP A 106 -16.16 7.97 -7.22
N THR A 107 -16.34 7.63 -8.49
CA THR A 107 -15.20 7.26 -9.34
C THR A 107 -14.14 8.35 -9.38
N ALA A 108 -12.90 7.95 -9.11
CA ALA A 108 -11.77 8.90 -9.17
C ALA A 108 -10.49 8.18 -9.44
N TYR A 109 -9.64 8.78 -10.29
CA TYR A 109 -8.34 8.20 -10.64
C TYR A 109 -7.27 9.26 -10.43
N TYR A 110 -6.11 8.81 -9.96
CA TYR A 110 -4.92 9.67 -9.88
C TYR A 110 -3.73 8.87 -10.39
N PHE A 111 -2.59 9.52 -10.57
CA PHE A 111 -1.50 8.92 -11.34
C PHE A 111 -0.29 8.76 -10.47
N ASP A 112 -0.04 7.54 -9.99
CA ASP A 112 0.98 7.40 -8.94
C ASP A 112 2.37 7.01 -9.45
N LYS A 113 2.43 6.39 -10.63
CA LYS A 113 3.72 5.98 -11.22
C LYS A 113 3.76 6.48 -12.65
N TRP A 114 4.85 7.14 -13.01
CA TRP A 114 4.97 7.78 -14.32
C TRP A 114 6.24 7.30 -15.02
N GLY A 115 6.15 7.18 -16.33
CA GLY A 115 7.35 7.01 -17.15
C GLY A 115 8.13 8.31 -17.24
N GLN A 116 9.35 8.26 -17.78
CA GLN A 116 10.19 9.44 -17.89
C GLN A 116 9.71 10.39 -18.98
N GLY A 117 8.89 9.88 -19.89
CA GLY A 117 8.37 10.66 -21.01
C GLY A 117 9.21 10.53 -22.26
N THR A 118 8.54 10.65 -23.39
CA THR A 118 9.27 10.66 -24.67
C THR A 118 8.74 11.78 -25.56
N LEU A 119 9.65 12.50 -26.21
CA LEU A 119 9.24 13.61 -27.06
C LEU A 119 8.82 13.11 -28.43
N VAL A 120 7.68 13.61 -28.92
CA VAL A 120 7.32 13.39 -30.31
C VAL A 120 7.14 14.75 -30.96
N THR A 121 7.87 15.00 -32.05
CA THR A 121 7.72 16.21 -32.85
C THR A 121 6.91 15.90 -34.11
N VAL A 122 5.91 16.72 -34.37
CA VAL A 122 5.11 16.60 -35.59
C VAL A 122 5.58 17.65 -36.57
N SER A 123 6.12 17.18 -37.70
CA SER A 123 6.71 18.06 -38.69
C SER A 123 6.89 17.34 -40.03
N SER A 124 6.81 18.11 -41.12
CA SER A 124 7.03 17.56 -42.46
CA SER A 124 7.05 17.58 -42.46
C SER A 124 8.53 17.50 -42.81
N ALA A 125 9.37 18.13 -41.99
CA ALA A 125 10.80 18.18 -42.28
C ALA A 125 11.47 16.83 -42.12
N SER A 126 12.49 16.59 -42.94
CA SER A 126 13.22 15.32 -42.86
C SER A 126 14.17 15.29 -41.68
N THR A 127 14.43 14.08 -41.18
N THR A 127 14.43 14.08 -41.18
CA THR A 127 15.47 13.89 -40.19
CA THR A 127 15.49 13.88 -40.20
C THR A 127 16.81 14.34 -40.78
C THR A 127 16.82 14.33 -40.78
N LYS A 128 17.64 14.96 -39.94
CA LYS A 128 18.98 15.35 -40.35
C LYS A 128 19.93 15.20 -39.18
N GLY A 129 21.03 14.49 -39.39
CA GLY A 129 22.03 14.31 -38.36
C GLY A 129 22.91 15.55 -38.24
N PRO A 130 23.53 15.73 -37.07
CA PRO A 130 24.29 16.96 -36.87
C PRO A 130 25.67 16.89 -37.49
N SER A 131 26.25 18.05 -37.78
CA SER A 131 27.69 18.13 -37.98
C SER A 131 28.25 18.49 -36.63
N VAL A 132 29.35 17.85 -36.24
CA VAL A 132 29.95 18.09 -34.94
C VAL A 132 31.32 18.75 -35.13
N PHE A 133 31.51 19.90 -34.49
CA PHE A 133 32.77 20.63 -34.59
C PHE A 133 33.40 20.79 -33.22
N PRO A 134 34.73 20.68 -33.15
CA PRO A 134 35.37 20.84 -31.85
C PRO A 134 35.45 22.32 -31.47
N LEU A 135 35.28 22.60 -30.19
CA LEU A 135 35.48 23.95 -29.67
C LEU A 135 36.74 23.94 -28.82
N ALA A 136 37.85 24.29 -29.46
CA ALA A 136 39.18 24.14 -28.85
C ALA A 136 39.37 25.06 -27.66
N PRO A 137 40.07 24.57 -26.62
CA PRO A 137 40.38 25.42 -25.47
C PRO A 137 41.44 26.46 -25.82
N SER A 138 41.43 27.59 -25.11
CA SER A 138 42.49 28.60 -25.25
C SER A 138 43.88 28.00 -25.04
N THR A 146 42.35 26.88 -15.39
CA THR A 146 41.45 25.92 -16.04
C THR A 146 41.14 26.33 -17.48
N ALA A 147 40.59 25.40 -18.24
CA ALA A 147 40.30 25.63 -19.65
C ALA A 147 38.91 25.13 -20.00
N ALA A 148 38.19 25.92 -20.78
CA ALA A 148 36.90 25.47 -21.30
C ALA A 148 37.08 24.94 -22.71
N LEU A 149 36.61 23.72 -22.94
CA LEU A 149 36.61 23.17 -24.28
C LEU A 149 35.26 22.54 -24.53
N GLY A 150 34.93 22.30 -25.78
CA GLY A 150 33.62 21.73 -26.06
C GLY A 150 33.39 21.22 -27.45
N CYS A 151 32.11 20.97 -27.73
CA CYS A 151 31.69 20.51 -29.03
C CYS A 151 30.45 21.26 -29.38
N LEU A 152 30.41 21.70 -30.64
CA LEU A 152 29.24 22.32 -31.23
C LEU A 152 28.53 21.26 -32.04
N VAL A 153 27.27 21.03 -31.73
CA VAL A 153 26.47 20.00 -32.40
C VAL A 153 25.49 20.73 -33.29
N LYS A 154 25.82 20.83 -34.57
CA LYS A 154 25.19 21.82 -35.44
C LYS A 154 24.16 21.24 -36.41
N ASP A 155 22.99 21.90 -36.52
CA ASP A 155 22.05 21.68 -37.62
C ASP A 155 21.46 20.27 -37.67
N TYR A 156 20.78 19.87 -36.61
CA TYR A 156 20.14 18.55 -36.60
C TYR A 156 18.63 18.68 -36.44
N PHE A 157 17.92 17.59 -36.73
CA PHE A 157 16.47 17.57 -36.58
C PHE A 157 16.01 16.11 -36.56
N PRO A 158 15.07 15.77 -35.67
CA PRO A 158 14.48 16.57 -34.60
C PRO A 158 15.26 16.38 -33.30
N GLU A 159 14.76 16.96 -32.22
CA GLU A 159 15.29 16.69 -30.88
C GLU A 159 15.00 15.23 -30.51
N PRO A 160 15.77 14.65 -29.60
CA PRO A 160 16.90 15.22 -28.88
C PRO A 160 18.23 14.65 -29.34
N VAL A 161 19.29 15.20 -28.78
CA VAL A 161 20.65 14.72 -28.96
C VAL A 161 21.21 14.44 -27.57
N THR A 162 22.01 13.39 -27.41
CA THR A 162 22.73 13.19 -26.16
C THR A 162 24.22 13.44 -26.36
N VAL A 163 24.88 13.99 -25.35
CA VAL A 163 26.31 14.19 -25.38
C VAL A 163 26.94 13.65 -24.11
N SER A 164 27.99 12.85 -24.27
CA SER A 164 28.83 12.45 -23.15
C SER A 164 30.27 12.83 -23.49
N TRP A 165 31.15 12.68 -22.51
CA TRP A 165 32.56 12.98 -22.70
C TRP A 165 33.42 11.81 -22.26
N ASN A 166 34.39 11.44 -23.10
CA ASN A 166 35.26 10.29 -22.83
C ASN A 166 34.48 9.02 -22.54
N SER A 167 33.45 8.79 -23.33
CA SER A 167 32.57 7.64 -23.20
C SER A 167 31.95 7.55 -21.80
N GLY A 168 31.74 8.70 -21.18
CA GLY A 168 31.07 8.76 -19.89
C GLY A 168 32.02 8.81 -18.71
N ALA A 169 33.30 8.60 -18.96
CA ALA A 169 34.30 8.65 -17.90
C ALA A 169 34.44 10.07 -17.31
N LEU A 170 34.18 11.08 -18.14
CA LEU A 170 34.28 12.47 -17.71
C LEU A 170 32.89 13.09 -17.50
N THR A 171 32.59 13.46 -16.27
CA THR A 171 31.26 13.96 -15.93
C THR A 171 31.32 15.29 -15.18
N SER A 172 32.27 15.42 -14.26
CA SER A 172 32.40 16.65 -13.50
C SER A 172 32.78 17.82 -14.42
N GLY A 173 32.13 18.96 -14.23
CA GLY A 173 32.43 20.14 -15.00
C GLY A 173 31.72 20.21 -16.36
N VAL A 174 30.97 19.17 -16.70
CA VAL A 174 30.25 19.13 -17.97
C VAL A 174 28.97 19.97 -17.91
N HIS A 175 28.78 20.83 -18.91
CA HIS A 175 27.53 21.57 -19.00
C HIS A 175 27.02 21.47 -20.43
N THR A 176 26.01 20.64 -20.65
CA THR A 176 25.38 20.53 -21.95
C THR A 176 24.17 21.44 -22.03
N PHE A 177 24.20 22.38 -22.97
CA PHE A 177 23.20 23.43 -23.01
C PHE A 177 21.99 23.02 -23.81
N PRO A 178 20.80 23.49 -23.41
CA PRO A 178 19.59 23.31 -24.23
C PRO A 178 19.80 23.87 -25.64
N ALA A 179 19.25 23.18 -26.63
CA ALA A 179 19.42 23.57 -28.03
C ALA A 179 18.69 24.85 -28.38
N VAL A 180 19.21 25.56 -29.36
CA VAL A 180 18.49 26.65 -29.97
C VAL A 180 17.74 26.07 -31.18
N LEU A 181 16.50 26.51 -31.38
CA LEU A 181 15.75 26.19 -32.60
C LEU A 181 15.92 27.36 -33.55
N GLN A 182 16.58 27.10 -34.67
CA GLN A 182 16.89 28.13 -35.64
C GLN A 182 15.68 28.46 -36.48
N SER A 183 15.73 29.60 -37.16
CA SER A 183 14.66 29.98 -38.08
C SER A 183 14.52 28.96 -39.22
N SER A 184 15.61 28.26 -39.53
CA SER A 184 15.60 27.22 -40.55
C SER A 184 14.77 26.00 -40.16
N GLY A 185 14.49 25.87 -38.87
CA GLY A 185 13.79 24.69 -38.39
C GLY A 185 14.72 23.60 -37.85
N LEU A 186 16.02 23.83 -38.00
CA LEU A 186 17.02 22.89 -37.47
C LEU A 186 17.46 23.34 -36.07
N TYR A 187 17.98 22.40 -35.29
CA TYR A 187 18.52 22.73 -33.97
C TYR A 187 20.04 22.73 -33.95
N SER A 188 20.62 23.46 -33.01
CA SER A 188 22.03 23.30 -32.66
C SER A 188 22.15 23.36 -31.15
N LEU A 189 23.11 22.65 -30.58
CA LEU A 189 23.41 22.81 -29.16
C LEU A 189 24.91 22.74 -28.96
N SER A 190 25.36 23.06 -27.75
CA SER A 190 26.77 22.92 -27.41
C SER A 190 26.93 22.26 -26.08
N SER A 191 28.03 21.55 -25.92
CA SER A 191 28.39 20.98 -24.64
C SER A 191 29.81 21.43 -24.33
N VAL A 192 30.00 21.96 -23.13
CA VAL A 192 31.28 22.47 -22.70
C VAL A 192 31.70 21.80 -21.40
N VAL A 193 32.99 21.54 -21.29
CA VAL A 193 33.51 20.99 -20.06
C VAL A 193 34.66 21.85 -19.61
N THR A 194 34.73 22.10 -18.32
CA THR A 194 35.83 22.87 -17.75
C THR A 194 36.80 21.87 -17.13
N VAL A 195 38.05 21.96 -17.54
CA VAL A 195 39.07 21.01 -17.11
C VAL A 195 40.31 21.79 -16.67
N PRO A 196 41.15 21.18 -15.81
CA PRO A 196 42.38 21.86 -15.42
C PRO A 196 43.25 22.21 -16.63
N SER A 197 43.73 23.45 -16.69
CA SER A 197 44.63 23.88 -17.75
C SER A 197 45.85 22.95 -17.81
N SER A 198 46.27 22.48 -16.64
CA SER A 198 47.42 21.61 -16.49
C SER A 198 47.35 20.30 -17.29
N SER A 199 46.13 19.86 -17.59
CA SER A 199 45.90 18.53 -18.14
C SER A 199 45.85 18.47 -19.67
N LEU A 200 45.94 19.63 -20.31
CA LEU A 200 45.71 19.72 -21.76
C LEU A 200 46.69 18.94 -22.64
N GLY A 201 47.92 18.77 -22.18
CA GLY A 201 48.89 18.05 -22.97
C GLY A 201 48.86 16.56 -22.73
N THR A 202 48.21 16.14 -21.65
CA THR A 202 48.29 14.76 -21.18
C THR A 202 46.97 14.01 -21.26
N GLN A 203 45.86 14.74 -21.24
CA GLN A 203 44.55 14.12 -21.29
C GLN A 203 43.85 14.32 -22.63
N THR A 204 43.39 13.22 -23.21
CA THR A 204 42.60 13.27 -24.45
C THR A 204 41.14 13.54 -24.12
N TYR A 205 40.51 14.44 -24.86
CA TYR A 205 39.11 14.78 -24.65
C TYR A 205 38.29 14.52 -25.91
N ILE A 206 37.29 13.65 -25.80
CA ILE A 206 36.42 13.34 -26.91
C ILE A 206 34.98 13.50 -26.47
N CYS A 207 34.20 14.24 -27.24
CA CYS A 207 32.77 14.31 -26.99
C CYS A 207 32.11 13.21 -27.79
N ASN A 208 31.15 12.53 -27.17
CA ASN A 208 30.41 11.48 -27.84
C ASN A 208 29.00 11.96 -28.12
N VAL A 209 28.67 12.12 -29.38
CA VAL A 209 27.39 12.69 -29.77
C VAL A 209 26.51 11.60 -30.37
N ASN A 210 25.30 11.50 -29.87
CA ASN A 210 24.34 10.53 -30.38
C ASN A 210 23.05 11.22 -30.80
N HIS A 211 22.69 11.07 -32.07
CA HIS A 211 21.40 11.53 -32.57
C HIS A 211 20.64 10.34 -33.10
N LYS A 212 19.85 9.72 -32.23
CA LYS A 212 19.12 8.50 -32.57
C LYS A 212 18.22 8.61 -33.82
N PRO A 213 17.49 9.73 -34.00
CA PRO A 213 16.62 9.80 -35.19
C PRO A 213 17.30 9.60 -36.54
N SER A 214 18.57 10.00 -36.66
CA SER A 214 19.31 9.84 -37.91
C SER A 214 20.36 8.75 -37.80
N ASN A 215 20.31 7.99 -36.71
CA ASN A 215 21.33 7.02 -36.38
C ASN A 215 22.76 7.56 -36.51
N THR A 216 22.94 8.81 -36.09
CA THR A 216 24.24 9.45 -36.14
C THR A 216 24.98 9.24 -34.83
N LYS A 217 26.18 8.69 -34.92
CA LYS A 217 27.07 8.61 -33.78
C LYS A 217 28.41 9.22 -34.16
N VAL A 218 28.78 10.29 -33.47
CA VAL A 218 30.03 10.97 -33.75
C VAL A 218 30.89 11.06 -32.50
N ASP A 219 32.16 10.71 -32.63
CA ASP A 219 33.14 10.92 -31.59
C ASP A 219 34.11 11.94 -32.13
N LYS A 220 34.11 13.13 -31.55
CA LYS A 220 35.04 14.15 -31.99
C LYS A 220 36.07 14.49 -30.92
N ARG A 221 37.34 14.29 -31.24
CA ARG A 221 38.38 14.66 -30.30
C ARG A 221 38.60 16.15 -30.37
N VAL A 222 38.72 16.78 -29.21
CA VAL A 222 38.93 18.22 -29.16
C VAL A 222 40.36 18.50 -28.75
N GLU A 223 41.15 19.03 -29.68
CA GLU A 223 42.58 19.28 -29.47
C GLU A 223 42.84 20.76 -29.23
N PRO A 224 43.81 21.09 -28.38
CA PRO A 224 44.21 22.47 -28.07
C PRO A 224 44.59 23.29 -29.31
N SER B 1 -16.68 20.91 -19.98
CA SER B 1 -15.88 20.11 -19.07
C SER B 1 -15.64 20.86 -17.79
N TYR B 2 -15.41 20.12 -16.70
CA TYR B 2 -15.09 20.74 -15.42
C TYR B 2 -13.77 21.52 -15.49
N VAL B 3 -13.75 22.70 -14.88
CA VAL B 3 -12.60 23.60 -14.93
C VAL B 3 -11.91 23.77 -13.56
N LEU B 4 -10.59 23.58 -13.53
CA LEU B 4 -9.77 23.83 -12.35
C LEU B 4 -8.93 25.06 -12.59
N THR B 5 -8.99 26.00 -11.66
CA THR B 5 -8.27 27.27 -11.80
C THR B 5 -7.16 27.42 -10.76
N GLN B 6 -5.93 27.50 -11.24
CA GLN B 6 -4.79 27.77 -10.36
C GLN B 6 -4.13 29.07 -10.74
N PRO B 7 -3.57 29.78 -9.76
CA PRO B 7 -2.81 30.98 -10.12
C PRO B 7 -1.52 30.57 -10.84
N PRO B 8 -1.11 31.34 -11.85
CA PRO B 8 0.08 30.95 -12.60
C PRO B 8 1.33 30.94 -11.72
N SER B 9 1.37 31.79 -10.70
CA SER B 9 2.57 31.95 -9.90
C SER B 9 2.30 32.22 -8.42
N VAL B 10 3.15 31.66 -7.55
CA VAL B 10 3.14 31.95 -6.11
C VAL B 10 4.57 32.13 -5.63
N SER B 11 4.81 33.16 -4.82
CA SER B 11 6.13 33.39 -4.24
C SER B 11 6.05 33.28 -2.73
N VAL B 12 7.13 32.79 -2.12
CA VAL B 12 7.17 32.59 -0.68
C VAL B 12 8.61 32.69 -0.17
N ALA B 13 8.79 33.20 1.04
CA ALA B 13 10.11 33.32 1.65
C ALA B 13 10.55 31.96 2.19
N PRO B 14 11.87 31.68 2.19
CA PRO B 14 12.31 30.37 2.69
C PRO B 14 11.96 30.15 4.16
N GLY B 15 11.49 28.94 4.48
CA GLY B 15 11.10 28.62 5.84
C GLY B 15 9.67 28.97 6.14
N GLU B 16 9.05 29.77 5.28
CA GLU B 16 7.65 30.14 5.44
C GLU B 16 6.75 29.11 4.80
N THR B 17 5.44 29.34 4.89
CA THR B 17 4.47 28.39 4.36
C THR B 17 3.90 28.87 3.03
N ALA B 18 4.04 28.05 1.99
CA ALA B 18 3.49 28.36 0.67
C ALA B 18 2.10 27.74 0.59
N ARG B 19 1.16 28.49 0.02
CA ARG B 19 -0.18 27.96 -0.22
C ARG B 19 -0.54 28.12 -1.68
N ILE B 20 -0.86 27.01 -2.32
CA ILE B 20 -1.22 27.00 -3.73
C ILE B 20 -2.69 26.62 -3.88
N SER B 21 -3.48 27.53 -4.42
CA SER B 21 -4.92 27.32 -4.52
C SER B 21 -5.29 26.66 -5.85
N CYS B 22 -6.41 25.94 -5.79
CA CYS B 22 -7.00 25.28 -6.94
C CYS B 22 -8.51 25.43 -6.80
N GLY B 23 -9.08 26.29 -7.64
CA GLY B 23 -10.48 26.63 -7.57
C GLY B 23 -11.33 25.82 -8.53
N GLY B 24 -12.55 25.48 -8.11
CA GLY B 24 -13.50 24.78 -8.96
C GLY B 24 -14.89 24.81 -8.35
N ASN B 25 -15.93 24.83 -9.19
CA ASN B 25 -17.30 24.84 -8.69
C ASN B 25 -17.57 23.59 -7.87
N ASN B 26 -17.90 23.78 -6.60
CA ASN B 26 -18.14 22.64 -5.69
C ASN B 26 -16.99 21.64 -5.67
N ILE B 27 -15.76 22.12 -5.77
CA ILE B 27 -14.60 21.24 -5.79
C ILE B 27 -14.50 20.41 -4.51
N GLY B 28 -15.10 20.90 -3.43
CA GLY B 28 -15.11 20.21 -2.16
C GLY B 28 -15.84 18.88 -2.19
N THR B 29 -16.70 18.69 -3.19
CA THR B 29 -17.43 17.44 -3.34
C THR B 29 -16.62 16.36 -4.07
N LYS B 30 -15.48 16.75 -4.66
CA LYS B 30 -14.62 15.82 -5.39
C LYS B 30 -13.31 15.57 -4.65
N VAL B 31 -12.71 14.39 -4.84
CA VAL B 31 -11.36 14.23 -4.31
C VAL B 31 -10.35 14.84 -5.26
N LEU B 32 -9.36 15.53 -4.70
CA LEU B 32 -8.38 16.28 -5.49
C LEU B 32 -6.99 15.73 -5.27
N HIS B 33 -6.18 15.72 -6.33
CA HIS B 33 -4.83 15.21 -6.23
C HIS B 33 -3.85 16.25 -6.75
N TRP B 34 -2.60 16.15 -6.32
CA TRP B 34 -1.61 17.16 -6.66
C TRP B 34 -0.28 16.53 -7.11
N TYR B 35 0.36 17.19 -8.07
CA TYR B 35 1.65 16.76 -8.63
C TYR B 35 2.67 17.87 -8.56
N GLN B 36 3.92 17.49 -8.33
CA GLN B 36 5.06 18.40 -8.37
C GLN B 36 5.85 18.05 -9.62
N GLN B 37 6.23 19.06 -10.40
CA GLN B 37 7.07 18.79 -11.57
C GLN B 37 8.25 19.75 -11.63
N THR B 38 9.44 19.16 -11.62
CA THR B 38 10.68 19.92 -11.73
C THR B 38 10.98 20.01 -13.20
N PRO B 39 11.45 21.18 -13.65
CA PRO B 39 11.88 21.38 -15.04
C PRO B 39 12.64 20.16 -15.58
N GLY B 40 12.13 19.60 -16.67
CA GLY B 40 12.81 18.51 -17.37
C GLY B 40 12.49 17.09 -16.93
N GLN B 41 11.67 16.93 -15.90
CA GLN B 41 11.37 15.61 -15.36
C GLN B 41 9.87 15.35 -15.35
N ALA B 42 9.50 14.08 -15.20
CA ALA B 42 8.09 13.71 -15.08
C ALA B 42 7.51 14.24 -13.78
N PRO B 43 6.22 14.56 -13.79
CA PRO B 43 5.55 14.93 -12.52
C PRO B 43 5.62 13.79 -11.51
N VAL B 44 5.52 14.18 -10.25
CA VAL B 44 5.52 13.26 -9.12
C VAL B 44 4.27 13.52 -8.31
N LEU B 45 3.53 12.46 -7.96
CA LEU B 45 2.37 12.60 -7.08
C LEU B 45 2.82 12.99 -5.66
N VAL B 46 2.30 14.11 -5.15
CA VAL B 46 2.62 14.52 -3.79
C VAL B 46 1.45 14.42 -2.80
N VAL B 47 0.23 14.57 -3.28
CA VAL B 47 -0.97 14.44 -2.45
C VAL B 47 -2.06 13.77 -3.28
N TYR B 48 -2.78 12.83 -2.67
CA TYR B 48 -3.94 12.27 -3.34
C TYR B 48 -5.09 12.26 -2.34
N ASP B 49 -6.31 12.11 -2.86
CA ASP B 49 -7.51 12.03 -2.01
C ASP B 49 -7.59 13.23 -1.05
N ASP B 50 -7.39 14.42 -1.62
CA ASP B 50 -7.41 15.73 -0.92
C ASP B 50 -6.22 15.99 -0.02
N SER B 51 -5.84 14.99 0.77
CA SER B 51 -4.95 15.27 1.91
C SER B 51 -3.99 14.15 2.29
N ASP B 52 -3.98 13.05 1.54
CA ASP B 52 -3.07 11.95 1.85
C ASP B 52 -1.76 12.02 1.08
N ARG B 53 -0.67 11.56 1.72
CA ARG B 53 0.65 11.58 1.10
CA ARG B 53 0.64 11.58 1.10
C ARG B 53 1.12 10.19 0.74
N PRO B 54 1.63 10.01 -0.49
CA PRO B 54 2.28 8.75 -0.86
C PRO B 54 3.49 8.55 0.02
N SER B 55 3.90 7.30 0.21
CA SER B 55 5.10 7.01 0.99
C SER B 55 6.31 7.71 0.37
N GLY B 56 7.11 8.37 1.20
CA GLY B 56 8.32 9.02 0.73
C GLY B 56 8.17 10.52 0.54
N ILE B 57 6.93 10.99 0.50
CA ILE B 57 6.68 12.43 0.39
C ILE B 57 6.75 13.05 1.77
N PRO B 58 7.56 14.12 1.93
CA PRO B 58 7.73 14.76 3.24
C PRO B 58 6.43 15.24 3.85
N GLU B 59 6.34 15.19 5.18
CA GLU B 59 5.15 15.63 5.88
C GLU B 59 4.89 17.13 5.74
N ARG B 60 5.90 17.88 5.28
CA ARG B 60 5.77 19.30 4.95
C ARG B 60 4.67 19.58 3.92
N PHE B 61 4.37 18.59 3.08
CA PHE B 61 3.34 18.72 2.06
C PHE B 61 1.99 18.27 2.58
N SER B 62 1.01 19.17 2.60
CA SER B 62 -0.32 18.78 3.06
C SER B 62 -1.38 19.38 2.15
N GLY B 63 -2.58 18.81 2.18
CA GLY B 63 -3.61 19.28 1.30
C GLY B 63 -4.93 19.43 2.03
N SER B 64 -5.78 20.30 1.49
CA SER B 64 -7.11 20.51 2.02
C SER B 64 -8.04 20.83 0.86
N ASN B 65 -9.34 20.60 1.08
CA ASN B 65 -10.33 20.81 0.02
C ASN B 65 -11.69 21.01 0.65
N SER B 66 -12.31 22.16 0.39
CA SER B 66 -13.67 22.41 0.87
C SER B 66 -14.30 23.50 0.03
N GLY B 67 -15.61 23.47 -0.12
CA GLY B 67 -16.31 24.55 -0.81
C GLY B 67 -15.91 24.67 -2.27
N ASN B 68 -15.47 25.85 -2.69
CA ASN B 68 -15.07 26.05 -4.09
C ASN B 68 -13.57 26.21 -4.30
N THR B 69 -12.77 25.89 -3.28
CA THR B 69 -11.32 25.99 -3.41
C THR B 69 -10.55 24.93 -2.60
N ALA B 70 -9.55 24.33 -3.22
CA ALA B 70 -8.65 23.40 -2.55
C ALA B 70 -7.27 24.04 -2.45
N THR B 71 -6.45 23.54 -1.53
CA THR B 71 -5.15 24.15 -1.29
C THR B 71 -4.07 23.10 -1.04
N LEU B 72 -2.95 23.28 -1.72
CA LEU B 72 -1.74 22.54 -1.40
C LEU B 72 -0.90 23.44 -0.51
N THR B 73 -0.56 22.94 0.68
CA THR B 73 0.21 23.73 1.63
C THR B 73 1.58 23.10 1.78
N ILE B 74 2.62 23.91 1.62
CA ILE B 74 3.99 23.44 1.80
C ILE B 74 4.64 24.21 2.95
N SER B 75 4.82 23.52 4.07
CA SER B 75 5.42 24.14 5.26
C SER B 75 6.93 24.17 5.17
N ARG B 76 7.53 25.15 5.86
CA ARG B 76 8.97 25.33 5.92
C ARG B 76 9.61 25.21 4.54
N VAL B 77 9.14 26.05 3.62
CA VAL B 77 9.55 25.98 2.22
C VAL B 77 11.07 26.05 2.02
N GLU B 78 11.59 25.20 1.14
CA GLU B 78 13.01 25.17 0.82
C GLU B 78 13.18 25.56 -0.65
N VAL B 79 14.35 26.06 -1.01
CA VAL B 79 14.63 26.44 -2.39
C VAL B 79 14.41 25.24 -3.32
N GLY B 80 14.72 24.05 -2.81
CA GLY B 80 14.49 22.81 -3.54
C GLY B 80 13.05 22.50 -3.90
N ASP B 81 12.09 23.20 -3.27
CA ASP B 81 10.68 23.02 -3.57
C ASP B 81 10.23 23.81 -4.80
N GLU B 82 11.12 24.61 -5.36
CA GLU B 82 10.79 25.31 -6.60
C GLU B 82 10.48 24.30 -7.70
N ALA B 83 9.30 24.46 -8.29
CA ALA B 83 8.76 23.50 -9.23
C ALA B 83 7.42 24.04 -9.68
N ASP B 84 6.81 23.36 -10.65
CA ASP B 84 5.44 23.63 -11.02
C ASP B 84 4.54 22.63 -10.31
N TYR B 85 3.43 23.11 -9.77
CA TYR B 85 2.51 22.25 -9.03
C TYR B 85 1.17 22.21 -9.74
N TYR B 86 0.63 21.02 -9.96
CA TYR B 86 -0.63 20.86 -10.67
C TYR B 86 -1.65 20.17 -9.80
N CYS B 87 -2.88 20.70 -9.78
CA CYS B 87 -4.01 19.97 -9.19
C CYS B 87 -4.73 19.18 -10.28
N GLN B 88 -5.47 18.16 -9.85
CA GLN B 88 -6.11 17.25 -10.80
C GLN B 88 -7.32 16.58 -10.19
N VAL B 89 -8.39 16.46 -10.98
CA VAL B 89 -9.59 15.71 -10.55
CA VAL B 89 -9.59 15.75 -10.54
C VAL B 89 -10.00 14.78 -11.65
N TRP B 90 -10.89 13.86 -11.31
CA TRP B 90 -11.55 13.05 -12.30
C TRP B 90 -12.98 13.55 -12.39
N ASP B 91 -13.38 13.98 -13.58
CA ASP B 91 -14.71 14.52 -13.81
C ASP B 91 -15.64 13.37 -14.15
N ILE B 92 -16.49 12.98 -13.20
CA ILE B 92 -17.38 11.85 -13.40
CA ILE B 92 -17.36 11.83 -13.44
C ILE B 92 -18.44 12.10 -14.47
N SER B 93 -18.82 13.36 -14.66
CA SER B 93 -19.86 13.64 -15.63
C SER B 93 -19.41 13.39 -17.07
N THR B 94 -18.09 13.38 -17.29
CA THR B 94 -17.57 13.23 -18.65
C THR B 94 -16.47 12.19 -18.76
N ASP B 95 -16.22 11.47 -17.67
CA ASP B 95 -15.24 10.37 -17.68
C ASP B 95 -13.87 10.83 -18.19
N GLN B 96 -13.33 11.89 -17.61
CA GLN B 96 -12.00 12.34 -18.01
C GLN B 96 -11.26 12.98 -16.86
N ALA B 97 -9.93 12.97 -16.93
CA ALA B 97 -9.14 13.64 -15.92
C ALA B 97 -8.92 15.08 -16.35
N VAL B 98 -9.02 15.99 -15.40
CA VAL B 98 -8.80 17.41 -15.66
C VAL B 98 -7.64 17.88 -14.78
N PHE B 99 -6.72 18.65 -15.39
CA PHE B 99 -5.65 19.30 -14.66
C PHE B 99 -5.90 20.80 -14.58
N GLY B 100 -5.49 21.40 -13.47
CA GLY B 100 -5.29 22.83 -13.44
C GLY B 100 -4.12 23.23 -14.35
N GLY B 101 -3.97 24.52 -14.53
CA GLY B 101 -3.01 25.03 -15.50
C GLY B 101 -1.60 25.07 -14.96
N GLY B 102 -1.46 24.75 -13.69
CA GLY B 102 -0.16 24.74 -13.03
C GLY B 102 0.21 26.05 -12.36
N THR B 103 0.91 25.93 -11.23
CA THR B 103 1.42 27.07 -10.49
C THR B 103 2.92 26.92 -10.31
N LYS B 104 3.68 27.92 -10.76
CA LYS B 104 5.11 27.92 -10.54
C LYS B 104 5.42 28.52 -9.18
N LEU B 105 6.11 27.74 -8.34
CA LEU B 105 6.51 28.21 -7.03
C LEU B 105 7.90 28.81 -7.08
N THR B 106 8.02 30.07 -6.65
CA THR B 106 9.29 30.76 -6.53
C THR B 106 9.60 30.94 -5.05
N VAL B 107 10.84 30.62 -4.67
CA VAL B 107 11.30 30.87 -3.32
C VAL B 107 12.17 32.13 -3.33
N LEU B 108 11.75 33.12 -2.56
CA LEU B 108 12.40 34.41 -2.52
C LEU B 108 13.72 34.36 -1.77
N GLY B 109 14.49 35.44 -1.82
CA GLY B 109 15.72 35.56 -1.07
C GLY B 109 16.97 35.01 -1.71
N GLN B 110 16.83 34.40 -2.89
CA GLN B 110 18.00 33.85 -3.55
C GLN B 110 18.89 34.98 -4.06
N PRO B 111 20.20 34.87 -3.81
CA PRO B 111 21.11 35.98 -4.09
C PRO B 111 21.25 36.23 -5.58
N LYS B 112 21.47 37.47 -5.98
CA LYS B 112 21.76 37.77 -7.37
C LYS B 112 23.08 37.11 -7.73
N ALA B 113 23.16 36.55 -8.94
CA ALA B 113 24.41 35.96 -9.43
C ALA B 113 24.65 36.40 -10.86
N ALA B 114 25.81 37.00 -11.12
CA ALA B 114 26.14 37.43 -12.47
C ALA B 114 26.50 36.24 -13.36
N PRO B 115 26.20 36.35 -14.67
CA PRO B 115 26.49 35.25 -15.60
C PRO B 115 27.98 35.00 -15.84
N SER B 116 28.34 33.72 -16.00
CA SER B 116 29.62 33.35 -16.58
C SER B 116 29.41 33.21 -18.09
N VAL B 117 30.29 33.84 -18.86
CA VAL B 117 30.20 33.87 -20.30
C VAL B 117 31.46 33.27 -20.88
N THR B 118 31.28 32.26 -21.74
CA THR B 118 32.36 31.70 -22.54
C THR B 118 32.00 31.84 -24.01
N LEU B 119 32.91 32.43 -24.77
CA LEU B 119 32.70 32.66 -26.20
C LEU B 119 33.75 31.92 -27.03
N PHE B 120 33.29 31.10 -27.98
CA PHE B 120 34.18 30.36 -28.87
C PHE B 120 34.09 30.89 -30.28
N PRO B 121 35.24 30.98 -30.96
CA PRO B 121 35.28 31.37 -32.37
C PRO B 121 34.94 30.17 -33.25
N PRO B 122 34.78 30.40 -34.55
CA PRO B 122 34.57 29.28 -35.47
C PRO B 122 35.76 28.32 -35.43
N SER B 123 35.47 27.04 -35.52
CA SER B 123 36.53 26.04 -35.59
C SER B 123 37.19 26.06 -36.98
N SER B 124 38.43 25.60 -37.05
CA SER B 124 39.12 25.42 -38.33
C SER B 124 38.31 24.53 -39.25
N GLU B 125 37.76 23.47 -38.66
CA GLU B 125 36.96 22.49 -39.40
C GLU B 125 35.75 23.14 -40.05
N GLU B 126 35.06 23.99 -39.28
CA GLU B 126 33.88 24.65 -39.82
C GLU B 126 34.23 25.63 -40.92
N LEU B 127 35.29 26.42 -40.70
CA LEU B 127 35.76 27.33 -41.72
C LEU B 127 36.11 26.59 -43.01
N GLN B 128 36.73 25.42 -42.86
CA GLN B 128 37.07 24.57 -43.99
C GLN B 128 35.82 24.17 -44.77
N ALA B 129 34.70 24.06 -44.06
CA ALA B 129 33.43 23.68 -44.68
C ALA B 129 32.65 24.91 -45.17
N ASN B 130 33.32 26.06 -45.24
CA ASN B 130 32.75 27.31 -45.76
C ASN B 130 31.64 27.89 -44.89
N LYS B 131 31.71 27.65 -43.58
CA LYS B 131 30.74 28.21 -42.64
C LYS B 131 31.46 28.73 -41.40
N ALA B 132 30.73 29.45 -40.55
CA ALA B 132 31.33 29.99 -39.34
C ALA B 132 30.26 30.29 -38.32
N THR B 133 30.45 29.77 -37.10
CA THR B 133 29.49 30.00 -36.02
C THR B 133 30.24 30.45 -34.78
N LEU B 134 29.85 31.59 -34.21
CA LEU B 134 30.36 32.01 -32.91
C LEU B 134 29.39 31.49 -31.85
N VAL B 135 29.93 30.98 -30.75
CA VAL B 135 29.11 30.30 -29.75
C VAL B 135 29.29 30.98 -28.43
N CYS B 136 28.22 31.60 -27.92
CA CYS B 136 28.27 32.32 -26.64
C CYS B 136 27.48 31.56 -25.59
N LEU B 137 28.18 30.99 -24.60
CA LEU B 137 27.54 30.15 -23.59
C LEU B 137 27.45 30.90 -22.27
N ILE B 138 26.25 30.94 -21.70
CA ILE B 138 25.95 31.83 -20.58
C ILE B 138 25.37 31.01 -19.43
N SER B 139 26.03 31.04 -18.29
CA SER B 139 25.60 30.15 -17.20
C SER B 139 25.64 30.78 -15.82
N ASP B 140 25.04 30.08 -14.88
CA ASP B 140 25.12 30.44 -13.47
C ASP B 140 24.57 31.81 -13.13
N PHE B 141 23.52 32.26 -13.82
CA PHE B 141 22.94 33.55 -13.48
C PHE B 141 21.61 33.48 -12.73
N TYR B 142 21.39 34.49 -11.89
CA TYR B 142 20.15 34.62 -11.14
C TYR B 142 19.90 36.09 -10.83
N PRO B 143 18.67 36.59 -11.07
CA PRO B 143 17.48 35.92 -11.60
C PRO B 143 17.64 35.48 -13.05
N GLY B 144 16.67 34.72 -13.53
CA GLY B 144 16.79 34.04 -14.82
C GLY B 144 16.38 34.79 -16.06
N ALA B 145 17.00 35.94 -16.30
CA ALA B 145 16.83 36.60 -17.59
C ALA B 145 18.08 37.37 -17.92
N VAL B 146 18.50 37.31 -19.17
CA VAL B 146 19.58 38.14 -19.71
C VAL B 146 19.12 38.64 -21.06
N THR B 147 19.80 39.68 -21.55
CA THR B 147 19.68 40.04 -22.95
C THR B 147 21.07 39.97 -23.56
N VAL B 148 21.12 39.56 -24.83
CA VAL B 148 22.39 39.37 -25.51
C VAL B 148 22.47 40.26 -26.75
N ALA B 149 23.60 40.95 -26.87
CA ALA B 149 23.88 41.77 -28.04
C ALA B 149 25.22 41.33 -28.62
N TRP B 150 25.32 41.34 -29.94
CA TRP B 150 26.56 41.01 -30.59
C TRP B 150 27.11 42.22 -31.32
N LYS B 151 28.43 42.29 -31.44
CA LYS B 151 29.08 43.34 -32.22
C LYS B 151 30.13 42.75 -33.12
N ALA B 152 30.24 43.29 -34.33
CA ALA B 152 31.35 43.02 -35.23
C ALA B 152 32.23 44.25 -35.14
N ASP B 153 33.42 44.11 -34.58
CA ASP B 153 34.22 45.28 -34.16
C ASP B 153 33.31 46.11 -33.23
N SER B 154 32.94 47.33 -33.62
CA SER B 154 32.07 48.15 -32.76
C SER B 154 30.63 48.25 -33.29
N SER B 155 30.33 47.53 -34.37
CA SER B 155 29.00 47.62 -35.02
C SER B 155 28.04 46.57 -34.50
N PRO B 156 26.88 46.99 -33.97
CA PRO B 156 25.91 45.97 -33.54
C PRO B 156 25.48 45.09 -34.72
N VAL B 157 25.34 43.79 -34.49
CA VAL B 157 24.86 42.89 -35.52
C VAL B 157 23.62 42.15 -34.98
N LYS B 158 22.53 42.12 -35.74
CA LYS B 158 21.34 41.35 -35.34
C LYS B 158 21.07 40.17 -36.29
N ALA B 159 21.50 40.32 -37.54
CA ALA B 159 21.31 39.27 -38.53
C ALA B 159 22.17 38.09 -38.16
N GLY B 160 21.57 36.91 -38.22
CA GLY B 160 22.33 35.70 -37.98
C GLY B 160 22.44 35.34 -36.51
N VAL B 161 21.73 36.07 -35.65
CA VAL B 161 21.78 35.81 -34.22
C VAL B 161 20.60 34.93 -33.81
N GLU B 162 20.88 33.86 -33.06
CA GLU B 162 19.84 33.02 -32.50
C GLU B 162 20.13 32.78 -31.04
N THR B 163 19.21 33.14 -30.16
CA THR B 163 19.42 33.05 -28.71
C THR B 163 18.33 32.20 -28.05
N THR B 164 18.73 31.32 -27.12
CA THR B 164 17.74 30.48 -26.44
C THR B 164 17.03 31.26 -25.34
N THR B 165 15.93 30.68 -24.88
CA THR B 165 15.30 31.13 -23.66
C THR B 165 16.20 30.75 -22.49
N PRO B 166 15.95 31.33 -21.31
CA PRO B 166 16.76 30.86 -20.17
C PRO B 166 16.27 29.51 -19.64
N SER B 167 17.19 28.68 -19.17
CA SER B 167 16.79 27.39 -18.60
C SER B 167 17.33 27.20 -17.19
N LYS B 168 16.55 26.52 -16.35
CA LYS B 168 16.95 26.33 -14.94
C LYS B 168 18.01 25.23 -14.80
N GLN B 169 19.10 25.53 -14.09
CA GLN B 169 20.24 24.62 -13.96
C GLN B 169 20.15 23.60 -12.83
N SER B 170 19.08 23.66 -12.06
CA SER B 170 18.89 22.77 -10.92
C SER B 170 19.75 23.13 -9.71
N ASN B 171 20.78 23.97 -9.91
CA ASN B 171 21.37 24.66 -8.79
C ASN B 171 20.58 25.94 -8.56
N ASN B 172 19.47 26.00 -9.30
CA ASN B 172 18.45 27.06 -9.21
C ASN B 172 18.88 28.34 -9.89
N LYS B 173 20.11 28.35 -10.41
CA LYS B 173 20.56 29.42 -11.30
C LYS B 173 20.15 29.09 -12.74
N TYR B 174 20.47 29.97 -13.67
CA TYR B 174 19.96 29.79 -15.04
C TYR B 174 21.06 29.78 -16.11
N ALA B 175 20.75 29.19 -17.25
CA ALA B 175 21.66 29.16 -18.39
C ALA B 175 20.96 29.56 -19.68
N ALA B 176 21.75 30.02 -20.65
CA ALA B 176 21.25 30.31 -21.99
C ALA B 176 22.42 30.28 -22.97
N SER B 177 22.12 30.28 -24.27
CA SER B 177 23.18 30.35 -25.23
C SER B 177 22.76 31.20 -26.41
N SER B 178 23.74 31.78 -27.08
CA SER B 178 23.47 32.60 -28.24
C SER B 178 24.50 32.24 -29.30
N TYR B 179 24.02 32.12 -30.53
CA TYR B 179 24.87 31.76 -31.66
C TYR B 179 24.81 32.83 -32.71
N LEU B 180 25.98 33.17 -33.25
CA LEU B 180 26.06 34.09 -34.39
C LEU B 180 26.60 33.37 -35.61
N SER B 181 25.80 33.31 -36.66
CA SER B 181 26.20 32.70 -37.92
C SER B 181 26.78 33.76 -38.83
N LEU B 182 27.99 33.47 -39.33
CA LEU B 182 28.72 34.39 -40.24
C LEU B 182 29.24 33.63 -41.45
N THR B 183 29.60 34.38 -42.49
CA THR B 183 30.42 33.77 -43.54
C THR B 183 31.88 33.80 -43.10
N PRO B 184 32.71 32.90 -43.66
CA PRO B 184 34.14 32.99 -43.38
C PRO B 184 34.71 34.36 -43.75
N GLU B 185 34.18 34.98 -44.80
CA GLU B 185 34.65 36.32 -45.17
C GLU B 185 34.34 37.36 -44.09
N GLN B 186 33.14 37.27 -43.50
CA GLN B 186 32.80 38.20 -42.44
C GLN B 186 33.72 38.01 -41.24
N TRP B 187 33.96 36.75 -40.88
CA TRP B 187 34.86 36.45 -39.77
C TRP B 187 36.23 37.08 -40.01
N LYS B 188 36.75 36.95 -41.23
CA LYS B 188 38.09 37.37 -41.55
C LYS B 188 38.24 38.89 -41.68
N SER B 189 37.14 39.59 -41.95
CA SER B 189 37.25 41.00 -42.31
CA SER B 189 37.14 41.01 -42.31
C SER B 189 37.12 41.94 -41.11
N HIS B 190 36.91 41.38 -39.92
CA HIS B 190 36.84 42.20 -38.71
C HIS B 190 38.00 41.87 -37.78
N ARG B 191 38.38 42.82 -36.93
CA ARG B 191 39.37 42.53 -35.90
C ARG B 191 38.86 41.62 -34.80
N SER B 192 37.57 41.74 -34.49
CA SER B 192 37.01 40.92 -33.43
C SER B 192 35.50 40.93 -33.49
N TYR B 193 34.89 39.98 -32.79
CA TYR B 193 33.47 39.96 -32.55
C TYR B 193 33.27 39.85 -31.05
N SER B 194 32.18 40.43 -30.56
CA SER B 194 31.89 40.41 -29.13
C SER B 194 30.50 39.94 -28.83
N CYS B 195 30.37 39.16 -27.76
CA CYS B 195 29.08 38.77 -27.23
C CYS B 195 28.92 39.55 -25.94
N GLN B 196 27.85 40.35 -25.84
CA GLN B 196 27.62 41.21 -24.68
C GLN B 196 26.36 40.76 -23.96
N VAL B 197 26.52 40.32 -22.72
CA VAL B 197 25.40 39.74 -21.96
C VAL B 197 25.03 40.71 -20.87
N THR B 198 23.80 41.22 -20.92
CA THR B 198 23.33 42.14 -19.90
C THR B 198 22.43 41.41 -18.92
N HIS B 199 22.72 41.59 -17.64
CA HIS B 199 21.99 40.92 -16.57
C HIS B 199 21.77 41.90 -15.44
N GLU B 200 20.51 42.20 -15.16
CA GLU B 200 20.16 43.14 -14.09
C GLU B 200 21.00 44.41 -14.14
N GLY B 201 21.08 44.99 -15.34
CA GLY B 201 21.76 46.26 -15.53
C GLY B 201 23.25 46.21 -15.72
N SER B 202 23.87 45.05 -15.52
CA SER B 202 25.32 44.91 -15.65
C SER B 202 25.68 44.08 -16.88
N THR B 203 26.60 44.57 -17.70
CA THR B 203 26.99 43.86 -18.90
C THR B 203 28.34 43.16 -18.80
N VAL B 204 28.33 41.86 -19.11
CA VAL B 204 29.54 41.06 -19.22
C VAL B 204 29.84 40.84 -20.71
N GLU B 205 31.01 41.27 -21.15
CA GLU B 205 31.36 41.18 -22.57
C GLU B 205 32.55 40.23 -22.77
N LYS B 206 32.47 39.38 -23.79
CA LYS B 206 33.61 38.54 -24.18
C LYS B 206 33.86 38.72 -25.67
N THR B 207 35.13 38.64 -26.07
CA THR B 207 35.53 38.96 -27.42
C THR B 207 36.45 37.87 -27.97
N VAL B 208 36.29 37.55 -29.26
CA VAL B 208 37.19 36.63 -29.93
C VAL B 208 37.63 37.24 -31.24
N ALA B 209 38.76 36.78 -31.76
CA ALA B 209 39.36 37.37 -32.95
C ALA B 209 39.96 36.28 -33.78
N PRO B 210 40.03 36.49 -35.10
CA PRO B 210 40.70 35.49 -35.95
C PRO B 210 42.16 35.29 -35.52
N THR B 211 42.59 34.04 -35.35
CA THR B 211 43.96 33.77 -34.89
C THR B 211 44.84 33.19 -36.00
N GLU C 1 -6.78 1.11 8.45
CA GLU C 1 -7.95 1.94 8.18
C GLU C 1 -9.09 1.14 7.53
N VAL C 2 -8.76 0.11 6.77
CA VAL C 2 -9.79 -0.79 6.22
C VAL C 2 -10.22 -1.79 7.29
N GLN C 3 -11.53 -1.88 7.53
CA GLN C 3 -12.05 -2.80 8.55
C GLN C 3 -13.22 -3.54 7.95
N LEU C 4 -13.44 -4.77 8.41
CA LEU C 4 -14.55 -5.56 7.93
C LEU C 4 -15.24 -6.12 9.17
N VAL C 5 -16.57 -6.20 9.15
CA VAL C 5 -17.31 -6.68 10.32
C VAL C 5 -18.43 -7.61 9.88
N GLU C 6 -18.41 -8.85 10.37
CA GLU C 6 -19.45 -9.83 10.04
C GLU C 6 -20.63 -9.63 10.98
N SER C 7 -21.83 -9.86 10.45
CA SER C 7 -23.03 -9.88 11.30
C SER C 7 -24.02 -10.92 10.80
N GLY C 8 -24.90 -11.34 11.72
CA GLY C 8 -25.93 -12.29 11.34
C GLY C 8 -26.20 -13.23 12.49
N PRO C 9 -27.19 -14.09 12.33
CA PRO C 9 -27.61 -15.00 13.41
C PRO C 9 -26.51 -15.94 13.83
N GLY C 10 -26.46 -16.21 15.12
CA GLY C 10 -25.51 -17.15 15.66
C GLY C 10 -26.02 -18.56 15.72
N LEU C 11 -27.26 -18.78 15.30
CA LEU C 11 -27.89 -20.11 15.40
C LEU C 11 -28.72 -20.34 14.16
N VAL C 12 -28.53 -21.49 13.52
CA VAL C 12 -29.30 -21.85 12.33
C VAL C 12 -29.74 -23.30 12.48
N LYS C 13 -30.99 -23.63 12.14
CA LYS C 13 -31.46 -25.02 12.21
C LYS C 13 -30.90 -25.84 11.03
N PRO C 14 -30.64 -27.13 11.28
CA PRO C 14 -30.19 -27.98 10.17
C PRO C 14 -31.18 -27.97 9.01
N SER C 15 -30.63 -27.91 7.81
CA SER C 15 -31.35 -27.87 6.52
C SER C 15 -31.78 -26.47 6.09
N ASP C 16 -31.65 -25.49 6.98
CA ASP C 16 -32.04 -24.12 6.67
C ASP C 16 -30.86 -23.36 6.06
N ILE C 17 -31.09 -22.08 5.74
CA ILE C 17 -30.06 -21.25 5.13
C ILE C 17 -29.33 -20.40 6.17
N LEU C 18 -28.01 -20.45 6.14
CA LEU C 18 -27.16 -19.59 6.96
C LEU C 18 -26.89 -18.31 6.18
N SER C 19 -27.23 -17.16 6.78
CA SER C 19 -27.00 -15.87 6.12
C SER C 19 -26.12 -14.99 6.99
N LEU C 20 -25.07 -14.42 6.38
CA LEU C 20 -24.24 -13.42 7.06
C LEU C 20 -24.02 -12.23 6.14
N THR C 21 -23.74 -11.09 6.74
CA THR C 21 -23.40 -9.89 6.00
CA THR C 21 -23.35 -9.93 5.96
C THR C 21 -22.04 -9.38 6.49
N CYS C 22 -21.27 -8.78 5.60
CA CYS C 22 -20.03 -8.12 5.96
C CYS C 22 -20.15 -6.62 5.63
N ALA C 23 -20.00 -5.76 6.63
CA ALA C 23 -19.98 -4.32 6.41
C ALA C 23 -18.53 -3.86 6.34
N VAL C 24 -18.17 -3.18 5.26
CA VAL C 24 -16.80 -2.72 5.06
C VAL C 24 -16.71 -1.26 5.41
N SER C 25 -15.60 -0.86 6.05
CA SER C 25 -15.33 0.52 6.37
C SER C 25 -13.92 0.90 5.94
N GLY C 26 -13.72 2.12 5.46
CA GLY C 26 -12.38 2.59 5.17
C GLY C 26 -11.93 2.36 3.73
N TYR C 27 -12.79 1.79 2.91
CA TYR C 27 -12.50 1.55 1.51
C TYR C 27 -13.83 1.21 0.84
N SER C 28 -14.05 1.66 -0.40
CA SER C 28 -15.28 1.33 -1.10
C SER C 28 -15.14 0.07 -1.94
N ILE C 29 -16.05 -0.89 -1.73
CA ILE C 29 -16.05 -2.11 -2.51
C ILE C 29 -16.10 -1.81 -4.02
N SER C 30 -16.84 -0.77 -4.39
CA SER C 30 -16.95 -0.35 -5.77
C SER C 30 -15.61 0.03 -6.41
N SER C 31 -14.61 0.32 -5.60
CA SER C 31 -13.33 0.78 -6.16
C SER C 31 -12.41 -0.32 -6.61
N ASN C 32 -12.40 -1.42 -5.87
CA ASN C 32 -11.46 -2.50 -6.18
C ASN C 32 -11.61 -3.67 -5.26
N TYR C 33 -10.77 -4.66 -5.54
CA TYR C 33 -10.59 -5.90 -4.77
C TYR C 33 -11.72 -6.90 -4.92
N TYR C 34 -11.40 -8.14 -4.64
CA TYR C 34 -12.45 -9.12 -4.36
C TYR C 34 -12.71 -9.15 -2.88
N TRP C 35 -13.88 -9.67 -2.52
CA TRP C 35 -14.34 -9.64 -1.13
C TRP C 35 -14.97 -10.97 -0.83
N GLY C 36 -14.55 -11.64 0.23
CA GLY C 36 -15.03 -12.99 0.41
C GLY C 36 -15.03 -13.53 1.80
N TRP C 37 -15.14 -14.86 1.88
CA TRP C 37 -15.49 -15.54 3.11
C TRP C 37 -14.60 -16.76 3.33
N ILE C 38 -14.17 -16.93 4.58
CA ILE C 38 -13.33 -18.03 5.01
C ILE C 38 -13.93 -18.53 6.32
N ARG C 39 -13.95 -19.83 6.55
CA ARG C 39 -14.49 -20.28 7.84
C ARG C 39 -13.57 -21.24 8.55
N GLN C 40 -13.87 -21.47 9.83
CA GLN C 40 -13.03 -22.31 10.67
C GLN C 40 -13.88 -23.03 11.68
N PRO C 41 -14.13 -24.32 11.42
CA PRO C 41 -14.87 -25.09 12.42
C PRO C 41 -14.05 -25.12 13.70
N PRO C 42 -14.71 -25.26 14.85
CA PRO C 42 -13.99 -25.21 16.13
C PRO C 42 -12.83 -26.23 16.22
N GLY C 43 -11.64 -25.74 16.51
CA GLY C 43 -10.45 -26.58 16.61
C GLY C 43 -9.92 -27.15 15.32
N LYS C 44 -10.40 -26.65 14.17
CA LYS C 44 -9.92 -27.13 12.87
C LYS C 44 -9.27 -26.01 12.07
N GLY C 45 -8.88 -26.33 10.83
CA GLY C 45 -8.16 -25.39 9.98
C GLY C 45 -9.07 -24.42 9.25
N LEU C 46 -8.43 -23.51 8.52
CA LEU C 46 -9.16 -22.56 7.69
C LEU C 46 -9.64 -23.19 6.41
N GLU C 47 -10.85 -22.81 5.99
CA GLU C 47 -11.45 -23.28 4.73
C GLU C 47 -12.01 -22.08 3.97
N TRP C 48 -11.53 -21.88 2.75
CA TRP C 48 -12.05 -20.80 1.92
C TRP C 48 -13.40 -21.17 1.35
N ILE C 49 -14.30 -20.18 1.29
CA ILE C 49 -15.68 -20.41 0.85
C ILE C 49 -15.95 -19.80 -0.54
N GLY C 50 -15.59 -18.53 -0.74
CA GLY C 50 -15.89 -17.90 -1.99
C GLY C 50 -15.66 -16.40 -1.92
N SER C 51 -15.75 -15.74 -3.06
CA SER C 51 -15.53 -14.31 -3.11
C SER C 51 -16.31 -13.65 -4.24
N ILE C 52 -16.39 -12.32 -4.18
CA ILE C 52 -17.15 -11.54 -5.15
C ILE C 52 -16.45 -10.23 -5.48
N TYR C 53 -16.69 -9.74 -6.69
CA TYR C 53 -16.17 -8.44 -7.16
C TYR C 53 -17.33 -7.47 -7.28
N HIS C 54 -17.07 -6.16 -7.35
CA HIS C 54 -18.18 -5.21 -7.36
C HIS C 54 -19.13 -5.39 -8.54
N SER C 55 -18.64 -5.99 -9.61
CA SER C 55 -19.45 -6.24 -10.80
C SER C 55 -20.46 -7.35 -10.58
N GLY C 56 -20.28 -8.12 -9.50
CA GLY C 56 -21.15 -9.25 -9.21
C GLY C 56 -20.51 -10.58 -9.59
N SER C 57 -19.35 -10.54 -10.24
CA SER C 57 -18.61 -11.77 -10.60
C SER C 57 -18.16 -12.50 -9.35
N THR C 58 -18.34 -13.82 -9.33
CA THR C 58 -18.04 -14.61 -8.12
C THR C 58 -17.10 -15.78 -8.40
N TYR C 59 -16.37 -16.17 -7.37
CA TYR C 59 -15.68 -17.45 -7.32
C TYR C 59 -16.24 -18.21 -6.13
N TYR C 60 -16.69 -19.44 -6.36
CA TYR C 60 -17.20 -20.31 -5.28
C TYR C 60 -16.31 -21.54 -5.13
N LYS C 61 -16.08 -21.99 -3.90
CA LYS C 61 -15.39 -23.26 -3.66
C LYS C 61 -16.21 -24.34 -4.37
N PRO C 62 -15.56 -25.17 -5.20
CA PRO C 62 -16.35 -26.11 -6.01
C PRO C 62 -17.22 -27.07 -5.18
N SER C 63 -16.74 -27.48 -4.01
CA SER C 63 -17.50 -28.45 -3.21
C SER C 63 -18.72 -27.81 -2.53
N LEU C 64 -18.79 -26.48 -2.56
CA LEU C 64 -19.89 -25.77 -1.93
C LEU C 64 -20.75 -25.03 -2.94
N GLU C 65 -20.31 -24.98 -4.20
CA GLU C 65 -20.92 -24.10 -5.19
C GLU C 65 -22.44 -24.22 -5.32
N SER C 66 -22.97 -25.45 -5.26
CA SER C 66 -24.40 -25.65 -5.42
C SER C 66 -25.24 -25.20 -4.21
N ARG C 67 -24.58 -24.93 -3.08
CA ARG C 67 -25.25 -24.52 -1.84
C ARG C 67 -24.94 -23.08 -1.51
N LEU C 68 -24.17 -22.42 -2.36
CA LEU C 68 -23.61 -21.11 -2.03
CA LEU C 68 -23.62 -21.13 -2.01
C LEU C 68 -24.18 -19.98 -2.85
N GLY C 69 -24.40 -18.85 -2.18
CA GLY C 69 -24.69 -17.62 -2.87
C GLY C 69 -23.91 -16.52 -2.17
N ILE C 70 -23.20 -15.70 -2.94
CA ILE C 70 -22.54 -14.53 -2.39
C ILE C 70 -23.06 -13.37 -3.23
N SER C 71 -23.43 -12.29 -2.54
CA SER C 71 -23.96 -11.13 -3.23
CA SER C 71 -24.01 -11.11 -3.19
C SER C 71 -23.25 -9.88 -2.73
N VAL C 72 -23.35 -8.82 -3.52
CA VAL C 72 -22.69 -7.57 -3.16
C VAL C 72 -23.65 -6.41 -3.33
N ASP C 73 -23.58 -5.45 -2.40
CA ASP C 73 -24.40 -4.25 -2.53
C ASP C 73 -23.46 -3.07 -2.40
N THR C 74 -22.99 -2.58 -3.53
CA THR C 74 -22.02 -1.50 -3.51
C THR C 74 -22.65 -0.22 -2.94
N SER C 75 -23.96 -0.05 -3.10
CA SER C 75 -24.60 1.18 -2.63
C SER C 75 -24.58 1.28 -1.11
N LYS C 76 -24.45 0.14 -0.44
CA LYS C 76 -24.44 0.07 1.01
C LYS C 76 -23.06 -0.34 1.53
N ASN C 77 -22.11 -0.52 0.62
CA ASN C 77 -20.76 -0.98 0.99
C ASN C 77 -20.77 -2.24 1.85
N GLN C 78 -21.50 -3.25 1.40
CA GLN C 78 -21.55 -4.51 2.10
C GLN C 78 -21.58 -5.64 1.11
N PHE C 79 -21.27 -6.84 1.61
CA PHE C 79 -21.45 -8.04 0.79
C PHE C 79 -21.95 -9.14 1.71
N SER C 80 -22.46 -10.21 1.15
CA SER C 80 -23.15 -11.17 2.00
CA SER C 80 -23.21 -11.17 1.96
C SER C 80 -22.94 -12.60 1.56
N LEU C 81 -23.26 -13.51 2.48
CA LEU C 81 -23.11 -14.94 2.26
CA LEU C 81 -23.10 -14.94 2.28
C LEU C 81 -24.43 -15.63 2.54
N LYS C 82 -24.77 -16.60 1.70
CA LYS C 82 -25.91 -17.51 1.97
C LYS C 82 -25.42 -18.92 1.70
N LEU C 83 -25.52 -19.77 2.70
CA LEU C 83 -25.12 -21.17 2.56
C LEU C 83 -26.37 -21.99 2.90
N SER C 84 -26.85 -22.75 1.93
CA SER C 84 -28.08 -23.52 2.11
CA SER C 84 -28.08 -23.53 2.09
C SER C 84 -27.82 -24.93 2.65
N PHE C 85 -28.90 -25.58 3.10
CA PHE C 85 -28.90 -26.96 3.60
C PHE C 85 -27.79 -27.23 4.61
N VAL C 86 -27.69 -26.36 5.61
CA VAL C 86 -26.58 -26.50 6.56
C VAL C 86 -26.77 -27.70 7.49
N SER C 87 -25.64 -28.20 8.00
CA SER C 87 -25.64 -29.25 9.03
C SER C 87 -24.60 -28.85 10.06
N ALA C 88 -24.42 -29.71 11.08
CA ALA C 88 -23.40 -29.42 12.08
C ALA C 88 -22.00 -29.29 11.49
N ALA C 89 -21.77 -29.85 10.31
CA ALA C 89 -20.49 -29.66 9.63
C ALA C 89 -20.23 -28.21 9.26
N ASP C 90 -21.28 -27.40 9.27
CA ASP C 90 -21.17 -26.00 8.90
C ASP C 90 -21.06 -25.09 10.11
N THR C 91 -21.09 -25.68 11.30
CA THR C 91 -20.81 -24.90 12.51
C THR C 91 -19.35 -24.45 12.46
N ALA C 92 -19.13 -23.14 12.61
CA ALA C 92 -17.79 -22.60 12.42
C ALA C 92 -17.79 -21.14 12.75
N VAL C 93 -16.60 -20.60 12.97
CA VAL C 93 -16.40 -19.17 12.90
C VAL C 93 -16.27 -18.76 11.44
N TYR C 94 -17.08 -17.78 11.02
CA TYR C 94 -17.06 -17.26 9.64
C TYR C 94 -16.39 -15.90 9.65
N TYR C 95 -15.37 -15.76 8.81
CA TYR C 95 -14.64 -14.50 8.62
C TYR C 95 -14.93 -13.93 7.25
N CYS C 96 -15.13 -12.62 7.19
CA CYS C 96 -15.02 -11.99 5.88
C CYS C 96 -13.61 -11.40 5.72
N ALA C 97 -13.15 -11.27 4.48
CA ALA C 97 -11.78 -10.83 4.23
C ALA C 97 -11.64 -10.19 2.87
N ARG C 98 -10.80 -9.16 2.80
CA ARG C 98 -10.44 -8.55 1.53
C ARG C 98 -9.46 -9.43 0.78
N HIS C 99 -9.80 -9.72 -0.46
CA HIS C 99 -8.98 -10.55 -1.36
C HIS C 99 -8.18 -9.65 -2.30
N VAL C 100 -6.86 -9.66 -2.13
CA VAL C 100 -5.99 -8.84 -2.98
C VAL C 100 -5.45 -9.67 -4.13
N ARG C 101 -5.58 -9.14 -5.34
CA ARG C 101 -4.97 -9.81 -6.52
C ARG C 101 -3.50 -9.49 -6.53
N SER C 102 -2.68 -10.55 -6.58
CA SER C 102 -1.23 -10.38 -6.65
C SER C 102 -0.83 -9.68 -7.93
N GLY C 103 0.25 -8.90 -7.87
CA GLY C 103 0.81 -8.29 -9.05
C GLY C 103 1.56 -9.27 -9.96
N TYR C 104 1.79 -10.50 -9.51
CA TYR C 104 2.41 -11.51 -10.36
C TYR C 104 1.48 -11.88 -11.51
N PRO C 105 2.04 -12.44 -12.60
CA PRO C 105 1.24 -12.66 -13.81
C PRO C 105 0.11 -13.71 -13.67
N ASP C 106 0.41 -14.89 -13.14
CA ASP C 106 -0.66 -15.87 -12.99
C ASP C 106 -1.66 -15.38 -11.93
N THR C 107 -2.93 -15.66 -12.13
CA THR C 107 -3.95 -15.24 -11.17
C THR C 107 -3.66 -15.77 -9.77
N ALA C 108 -3.66 -14.84 -8.80
CA ALA C 108 -3.43 -15.21 -7.40
C ALA C 108 -4.07 -14.20 -6.48
N TYR C 109 -4.69 -14.69 -5.41
CA TYR C 109 -5.32 -13.85 -4.40
C TYR C 109 -4.80 -14.24 -3.02
N TYR C 110 -4.63 -13.23 -2.16
CA TYR C 110 -4.31 -13.47 -0.75
C TYR C 110 -5.20 -12.54 0.07
N PHE C 111 -5.21 -12.71 1.39
CA PHE C 111 -6.27 -12.09 2.20
C PHE C 111 -5.61 -11.15 3.19
N ASP C 112 -5.65 -9.85 2.90
CA ASP C 112 -4.84 -8.92 3.67
C ASP C 112 -5.54 -8.25 4.86
N LYS C 113 -6.87 -8.19 4.81
CA LYS C 113 -7.64 -7.58 5.90
C LYS C 113 -8.75 -8.55 6.23
N TRP C 114 -8.91 -8.85 7.53
CA TRP C 114 -9.91 -9.82 7.97
C TRP C 114 -10.83 -9.20 9.01
N GLY C 115 -12.08 -9.64 9.01
CA GLY C 115 -12.98 -9.33 10.10
C GLY C 115 -12.60 -10.13 11.33
N GLN C 116 -13.20 -9.81 12.48
CA GLN C 116 -12.90 -10.55 13.70
C GLN C 116 -13.52 -11.94 13.75
N GLY C 117 -14.51 -12.18 12.88
CA GLY C 117 -15.17 -13.46 12.78
C GLY C 117 -16.43 -13.52 13.62
N THR C 118 -17.37 -14.33 13.16
CA THR C 118 -18.59 -14.54 13.96
C THR C 118 -18.93 -16.02 13.96
N LEU C 119 -19.27 -16.52 15.15
CA LEU C 119 -19.64 -17.94 15.31
C LEU C 119 -21.06 -18.20 14.84
N VAL C 120 -21.24 -19.23 14.01
CA VAL C 120 -22.57 -19.75 13.71
C VAL C 120 -22.63 -21.21 14.14
N THR C 121 -23.61 -21.54 14.99
CA THR C 121 -23.84 -22.90 15.43
C THR C 121 -25.05 -23.44 14.69
N VAL C 122 -24.91 -24.63 14.10
CA VAL C 122 -26.04 -25.27 13.44
C VAL C 122 -26.60 -26.35 14.37
N SER C 123 -27.84 -26.14 14.81
CA SER C 123 -28.45 -27.02 15.81
C SER C 123 -29.96 -26.87 15.78
N SER C 124 -30.63 -27.97 16.14
CA SER C 124 -32.09 -27.96 16.30
CA SER C 124 -32.09 -27.95 16.30
C SER C 124 -32.52 -27.39 17.66
N ALA C 125 -31.58 -27.25 18.56
CA ALA C 125 -31.92 -26.82 19.93
C ALA C 125 -32.35 -25.36 19.98
N SER C 126 -33.23 -25.03 20.92
CA SER C 126 -33.71 -23.66 21.04
C SER C 126 -32.75 -22.77 21.81
N THR C 127 -32.77 -21.48 21.51
CA THR C 127 -32.00 -20.51 22.28
CA THR C 127 -32.00 -20.51 22.29
C THR C 127 -32.46 -20.56 23.72
N LYS C 128 -31.51 -20.45 24.65
CA LYS C 128 -31.84 -20.38 26.07
C LYS C 128 -30.89 -19.41 26.74
N GLY C 129 -31.44 -18.42 27.43
CA GLY C 129 -30.62 -17.49 28.20
C GLY C 129 -30.10 -18.11 29.48
N PRO C 130 -28.97 -17.59 29.98
CA PRO C 130 -28.38 -18.12 31.21
C PRO C 130 -29.09 -17.70 32.51
N SER C 131 -28.91 -18.52 33.54
CA SER C 131 -29.18 -18.09 34.91
C SER C 131 -27.83 -17.66 35.44
N VAL C 132 -27.79 -16.51 36.09
CA VAL C 132 -26.52 -16.00 36.61
C VAL C 132 -26.53 -16.04 38.14
N PHE C 133 -25.49 -16.64 38.72
CA PHE C 133 -25.37 -16.74 40.17
C PHE C 133 -24.05 -16.14 40.64
N PRO C 134 -24.10 -15.44 41.78
CA PRO C 134 -22.89 -14.84 42.32
C PRO C 134 -22.03 -15.91 43.01
N LEU C 135 -20.71 -15.80 42.85
CA LEU C 135 -19.75 -16.65 43.54
C LEU C 135 -19.04 -15.78 44.56
N ALA C 136 -19.53 -15.83 45.80
CA ALA C 136 -19.04 -14.95 46.86
C ALA C 136 -17.58 -15.22 47.20
N PRO C 137 -16.84 -14.20 47.58
CA PRO C 137 -15.47 -14.43 48.04
C PRO C 137 -15.46 -15.29 49.31
N SER C 138 -14.55 -16.26 49.39
CA SER C 138 -14.44 -17.15 50.55
C SER C 138 -14.13 -16.40 51.84
N SER C 139 -14.62 -16.94 52.95
CA SER C 139 -14.34 -16.38 54.26
C SER C 139 -13.20 -17.12 54.93
N LYS C 140 -12.73 -18.20 54.30
CA LYS C 140 -11.59 -18.97 54.80
C LYS C 140 -10.36 -18.07 54.97
N SER C 141 -9.46 -18.47 55.86
CA SER C 141 -8.25 -17.70 56.09
C SER C 141 -7.18 -17.99 55.04
N THR C 142 -6.36 -16.98 54.77
CA THR C 142 -5.21 -17.12 53.88
C THR C 142 -4.07 -16.30 54.49
N SER C 143 -2.88 -16.40 53.91
CA SER C 143 -1.75 -15.59 54.34
C SER C 143 -1.55 -14.44 53.37
N GLY C 144 -2.39 -14.40 52.33
CA GLY C 144 -2.32 -13.35 51.33
C GLY C 144 -3.38 -12.29 51.53
N GLY C 145 -3.32 -11.23 50.74
CA GLY C 145 -4.24 -10.11 50.89
C GLY C 145 -5.28 -9.99 49.80
N THR C 146 -5.42 -11.04 48.99
CA THR C 146 -6.38 -11.02 47.88
C THR C 146 -7.53 -11.99 48.08
N ALA C 147 -8.62 -11.75 47.37
CA ALA C 147 -9.79 -12.62 47.41
C ALA C 147 -10.24 -12.84 45.97
N ALA C 148 -10.84 -14.00 45.70
CA ALA C 148 -11.43 -14.25 44.39
C ALA C 148 -12.94 -14.28 44.52
N LEU C 149 -13.62 -13.56 43.63
CA LEU C 149 -15.07 -13.61 43.57
C LEU C 149 -15.47 -13.70 42.12
N GLY C 150 -16.69 -14.13 41.85
CA GLY C 150 -17.03 -14.36 40.47
C GLY C 150 -18.50 -14.46 40.21
N CYS C 151 -18.83 -14.87 38.98
CA CYS C 151 -20.20 -15.15 38.56
C CYS C 151 -20.21 -16.43 37.77
N LEU C 152 -21.24 -17.23 38.04
CA LEU C 152 -21.50 -18.47 37.34
C LEU C 152 -22.60 -18.18 36.34
N VAL C 153 -22.33 -18.43 35.07
CA VAL C 153 -23.26 -18.16 33.99
C VAL C 153 -23.74 -19.51 33.50
N LYS C 154 -24.92 -19.93 33.95
CA LYS C 154 -25.30 -21.34 33.87
C LYS C 154 -26.35 -21.60 32.80
N ASP C 155 -26.14 -22.67 32.02
CA ASP C 155 -27.22 -23.26 31.22
C ASP C 155 -27.74 -22.35 30.10
N TYR C 156 -26.85 -21.98 29.19
CA TYR C 156 -27.29 -21.17 28.06
C TYR C 156 -26.98 -21.85 26.73
N PHE C 157 -27.61 -21.34 25.68
CA PHE C 157 -27.39 -21.86 24.34
C PHE C 157 -27.85 -20.83 23.31
N PRO C 158 -27.08 -20.63 22.23
CA PRO C 158 -25.76 -21.15 21.90
C PRO C 158 -24.68 -20.19 22.43
N GLU C 159 -23.43 -20.48 22.14
CA GLU C 159 -22.34 -19.53 22.36
C GLU C 159 -22.54 -18.29 21.47
N PRO C 160 -21.96 -17.15 21.85
CA PRO C 160 -21.17 -16.87 23.05
C PRO C 160 -21.93 -16.02 24.07
N VAL C 161 -21.30 -15.87 25.23
CA VAL C 161 -21.73 -14.94 26.28
CA VAL C 161 -21.75 -14.84 26.17
C VAL C 161 -20.55 -13.99 26.49
N THR C 162 -20.81 -12.72 26.77
CA THR C 162 -19.73 -11.82 27.18
C THR C 162 -19.96 -11.42 28.62
N VAL C 163 -18.87 -11.26 29.37
CA VAL C 163 -18.96 -10.81 30.76
C VAL C 163 -18.02 -9.63 30.95
N SER C 164 -18.52 -8.58 31.58
CA SER C 164 -17.68 -7.50 32.05
C SER C 164 -17.92 -7.34 33.54
N TRP C 165 -17.09 -6.52 34.19
CA TRP C 165 -17.24 -6.24 35.61
C TRP C 165 -17.32 -4.74 35.83
N ASN C 166 -18.26 -4.33 36.68
CA ASN C 166 -18.51 -2.92 36.96
C ASN C 166 -18.62 -2.08 35.68
N SER C 167 -19.38 -2.62 34.73
CA SER C 167 -19.62 -1.95 33.45
C SER C 167 -18.34 -1.60 32.71
N GLY C 168 -17.33 -2.46 32.82
CA GLY C 168 -16.07 -2.26 32.13
C GLY C 168 -15.03 -1.51 32.91
N ALA C 169 -15.41 -0.93 34.04
CA ALA C 169 -14.48 -0.16 34.87
C ALA C 169 -13.41 -1.05 35.49
N LEU C 170 -13.74 -2.32 35.71
CA LEU C 170 -12.82 -3.28 36.33
C LEU C 170 -12.35 -4.31 35.30
N THR C 171 -11.05 -4.31 35.01
CA THR C 171 -10.49 -5.22 34.02
C THR C 171 -9.29 -5.96 34.59
N SER C 172 -8.56 -5.30 35.47
CA SER C 172 -7.41 -5.93 36.12
C SER C 172 -7.83 -7.13 36.97
N GLY C 173 -7.15 -8.25 36.78
CA GLY C 173 -7.41 -9.44 37.58
C GLY C 173 -8.65 -10.22 37.19
N VAL C 174 -9.25 -9.89 36.05
CA VAL C 174 -10.42 -10.62 35.56
C VAL C 174 -9.98 -11.81 34.71
N HIS C 175 -10.60 -12.97 34.95
CA HIS C 175 -10.40 -14.12 34.08
C HIS C 175 -11.75 -14.76 33.79
N THR C 176 -12.23 -14.60 32.57
CA THR C 176 -13.45 -15.26 32.13
C THR C 176 -13.05 -16.51 31.38
N PHE C 177 -13.53 -17.65 31.88
CA PHE C 177 -13.11 -18.97 31.41
C PHE C 177 -13.92 -19.44 30.22
N PRO C 178 -13.27 -20.18 29.30
CA PRO C 178 -14.03 -20.84 28.24
C PRO C 178 -15.12 -21.73 28.82
N ALA C 179 -16.26 -21.75 28.14
CA ALA C 179 -17.42 -22.50 28.61
C ALA C 179 -17.22 -24.00 28.54
N VAL C 180 -17.90 -24.71 29.43
CA VAL C 180 -18.04 -26.15 29.31
C VAL C 180 -19.32 -26.43 28.52
N LEU C 181 -19.27 -27.41 27.62
CA LEU C 181 -20.45 -27.91 26.94
C LEU C 181 -20.93 -29.14 27.67
N GLN C 182 -22.12 -29.04 28.24
CA GLN C 182 -22.71 -30.11 29.01
C GLN C 182 -23.26 -31.20 28.10
N SER C 183 -23.44 -32.39 28.65
CA SER C 183 -24.06 -33.48 27.88
C SER C 183 -25.49 -33.11 27.47
N SER C 184 -26.10 -32.18 28.22
CA SER C 184 -27.43 -31.67 27.88
C SER C 184 -27.45 -30.86 26.59
N GLY C 185 -26.28 -30.38 26.18
CA GLY C 185 -26.17 -29.54 25.01
C GLY C 185 -26.17 -28.07 25.38
N LEU C 186 -26.33 -27.78 26.66
CA LEU C 186 -26.23 -26.41 27.15
C LEU C 186 -24.81 -26.10 27.57
N TYR C 187 -24.49 -24.81 27.60
CA TYR C 187 -23.19 -24.34 28.06
C TYR C 187 -23.27 -23.69 29.44
N SER C 188 -22.15 -23.72 30.16
CA SER C 188 -21.98 -22.84 31.33
C SER C 188 -20.58 -22.28 31.33
N LEU C 189 -20.39 -21.08 31.87
CA LEU C 189 -19.03 -20.57 32.06
C LEU C 189 -18.98 -19.82 33.37
N SER C 190 -17.78 -19.42 33.77
CA SER C 190 -17.61 -18.61 34.97
C SER C 190 -16.65 -17.49 34.69
N SER C 191 -16.83 -16.38 35.39
CA SER C 191 -15.88 -15.28 35.32
C SER C 191 -15.46 -14.97 36.74
N VAL C 192 -14.16 -14.87 36.97
CA VAL C 192 -13.64 -14.64 38.32
CA VAL C 192 -13.68 -14.59 38.32
C VAL C 192 -12.73 -13.42 38.32
N VAL C 193 -12.79 -12.62 39.38
CA VAL C 193 -11.86 -11.52 39.50
C VAL C 193 -11.15 -11.61 40.83
N THR C 194 -9.86 -11.33 40.83
CA THR C 194 -9.08 -11.32 42.05
C THR C 194 -8.90 -9.87 42.48
N VAL C 195 -9.28 -9.59 43.73
CA VAL C 195 -9.33 -8.22 44.24
C VAL C 195 -8.69 -8.15 45.63
N PRO C 196 -8.32 -6.95 46.08
CA PRO C 196 -7.81 -6.81 47.45
C PRO C 196 -8.89 -7.17 48.47
N SER C 197 -8.54 -7.99 49.47
CA SER C 197 -9.47 -8.35 50.52
C SER C 197 -9.96 -7.13 51.29
N SER C 198 -9.10 -6.15 51.47
CA SER C 198 -9.47 -4.91 52.17
C SER C 198 -10.56 -4.11 51.44
N SER C 199 -10.78 -4.42 50.17
CA SER C 199 -11.75 -3.68 49.36
C SER C 199 -13.17 -4.22 49.49
N LEU C 200 -13.32 -5.39 50.10
CA LEU C 200 -14.61 -6.10 50.06
C LEU C 200 -15.75 -5.38 50.77
N GLY C 201 -15.43 -4.65 51.83
CA GLY C 201 -16.47 -3.96 52.57
C GLY C 201 -16.90 -2.63 51.96
N THR C 202 -16.10 -2.12 51.03
CA THR C 202 -16.33 -0.77 50.52
C THR C 202 -16.57 -0.70 49.01
N GLN C 203 -16.00 -1.64 48.27
CA GLN C 203 -16.12 -1.61 46.81
C GLN C 203 -17.19 -2.57 46.32
N THR C 204 -18.10 -2.06 45.50
CA THR C 204 -19.15 -2.89 44.92
C THR C 204 -18.64 -3.60 43.68
N TYR C 205 -18.97 -4.88 43.58
CA TYR C 205 -18.59 -5.71 42.44
C TYR C 205 -19.84 -6.27 41.78
N ILE C 206 -20.02 -5.94 40.50
CA ILE C 206 -21.17 -6.40 39.73
C ILE C 206 -20.70 -7.00 38.41
N CYS C 207 -21.15 -8.21 38.10
CA CYS C 207 -20.83 -8.77 36.81
C CYS C 207 -21.94 -8.47 35.83
N ASN C 208 -21.55 -8.05 34.63
CA ASN C 208 -22.50 -7.74 33.59
C ASN C 208 -22.42 -8.82 32.52
N VAL C 209 -23.51 -9.59 32.39
CA VAL C 209 -23.54 -10.75 31.51
C VAL C 209 -24.48 -10.46 30.34
N ASN C 210 -24.00 -10.64 29.12
CA ASN C 210 -24.82 -10.44 27.93
C ASN C 210 -24.83 -11.70 27.10
N HIS C 211 -26.03 -12.23 26.84
CA HIS C 211 -26.20 -13.34 25.92
C HIS C 211 -27.10 -12.84 24.79
N LYS C 212 -26.47 -12.39 23.71
CA LYS C 212 -27.22 -11.79 22.62
C LYS C 212 -28.32 -12.66 21.99
N PRO C 213 -28.06 -13.97 21.75
CA PRO C 213 -29.11 -14.76 21.09
C PRO C 213 -30.44 -14.83 21.82
N SER C 214 -30.43 -14.74 23.15
CA SER C 214 -31.68 -14.77 23.90
C SER C 214 -32.08 -13.38 24.34
N ASN C 215 -31.33 -12.37 23.90
CA ASN C 215 -31.49 -11.00 24.39
C ASN C 215 -31.49 -10.91 25.90
N THR C 216 -30.61 -11.65 26.53
CA THR C 216 -30.51 -11.64 27.99
C THR C 216 -29.38 -10.71 28.39
N LYS C 217 -29.70 -9.78 29.29
CA LYS C 217 -28.70 -8.92 29.90
C LYS C 217 -28.96 -8.92 31.39
N VAL C 218 -27.99 -9.41 32.15
CA VAL C 218 -28.15 -9.53 33.59
C VAL C 218 -26.99 -8.85 34.27
N ASP C 219 -27.30 -8.05 35.29
CA ASP C 219 -26.28 -7.51 36.19
C ASP C 219 -26.46 -8.22 37.53
N LYS C 220 -25.37 -8.76 38.05
CA LYS C 220 -25.44 -9.50 39.30
C LYS C 220 -24.42 -8.95 40.28
N ARG C 221 -24.93 -8.40 41.39
CA ARG C 221 -24.05 -7.95 42.45
C ARG C 221 -23.49 -9.15 43.19
N VAL C 222 -22.19 -9.12 43.45
CA VAL C 222 -21.53 -10.21 44.17
C VAL C 222 -21.04 -9.68 45.52
N GLU C 223 -21.70 -10.12 46.58
CA GLU C 223 -21.43 -9.63 47.93
C GLU C 223 -20.69 -10.64 48.80
N PRO C 224 -19.89 -10.15 49.77
CA PRO C 224 -19.22 -11.01 50.76
C PRO C 224 -20.19 -11.89 51.57
N SER D 1 -8.13 -31.02 -7.00
CA SER D 1 -7.88 -30.00 -6.00
C SER D 1 -6.43 -30.05 -5.50
N TYR D 2 -5.73 -28.93 -5.64
CA TYR D 2 -4.34 -28.83 -5.25
C TYR D 2 -4.17 -28.99 -3.72
N VAL D 3 -3.17 -29.77 -3.32
CA VAL D 3 -2.95 -30.06 -1.91
C VAL D 3 -1.68 -29.40 -1.35
N LEU D 4 -1.84 -28.71 -0.23
CA LEU D 4 -0.70 -28.12 0.50
C LEU D 4 -0.48 -28.91 1.77
N THR D 5 0.74 -29.37 1.98
CA THR D 5 1.05 -30.22 3.12
C THR D 5 1.95 -29.50 4.12
N GLN D 6 1.44 -29.28 5.32
CA GLN D 6 2.21 -28.70 6.41
C GLN D 6 2.33 -29.71 7.55
N PRO D 7 3.46 -29.70 8.26
CA PRO D 7 3.54 -30.53 9.46
C PRO D 7 2.62 -29.97 10.55
N PRO D 8 2.02 -30.85 11.36
CA PRO D 8 1.06 -30.30 12.33
C PRO D 8 1.75 -29.51 13.43
N SER D 9 3.01 -29.83 13.71
CA SER D 9 3.74 -29.26 14.84
CA SER D 9 3.72 -29.23 14.83
C SER D 9 5.18 -28.94 14.51
N VAL D 10 5.66 -27.80 14.99
CA VAL D 10 7.09 -27.45 14.94
C VAL D 10 7.49 -26.86 16.29
N SER D 11 8.62 -27.32 16.84
CA SER D 11 9.13 -26.80 18.11
C SER D 11 10.50 -26.17 17.93
N VAL D 12 10.74 -25.08 18.66
CA VAL D 12 11.98 -24.34 18.51
C VAL D 12 12.42 -23.71 19.83
N ALA D 13 13.72 -23.67 20.10
CA ALA D 13 14.19 -23.01 21.31
C ALA D 13 14.15 -21.51 21.09
N PRO D 14 13.89 -20.75 22.17
CA PRO D 14 13.84 -19.28 22.05
C PRO D 14 15.15 -18.70 21.52
N GLY D 15 15.04 -17.71 20.63
CA GLY D 15 16.21 -17.08 20.06
C GLY D 15 16.69 -17.77 18.80
N GLU D 16 16.25 -19.02 18.63
CA GLU D 16 16.66 -19.81 17.48
C GLU D 16 15.75 -19.58 16.29
N THR D 17 16.05 -20.24 15.18
CA THR D 17 15.27 -20.03 13.96
C THR D 17 14.28 -21.16 13.71
N ALA D 18 13.00 -20.81 13.57
CA ALA D 18 11.98 -21.79 13.26
C ALA D 18 11.74 -21.83 11.76
N ARG D 19 11.58 -23.03 11.22
CA ARG D 19 11.24 -23.19 9.81
C ARG D 19 9.99 -24.03 9.68
N ILE D 20 8.97 -23.47 9.03
CA ILE D 20 7.71 -24.15 8.82
C ILE D 20 7.55 -24.47 7.33
N SER D 21 7.48 -25.75 7.01
CA SER D 21 7.44 -26.19 5.62
C SER D 21 6.01 -26.24 5.09
N CYS D 22 5.88 -26.02 3.79
CA CYS D 22 4.62 -26.17 3.10
C CYS D 22 4.94 -26.85 1.77
N GLY D 23 4.53 -28.10 1.63
CA GLY D 23 4.85 -28.86 0.44
C GLY D 23 3.70 -28.88 -0.54
N GLY D 24 4.03 -28.87 -1.82
CA GLY D 24 3.02 -29.01 -2.86
C GLY D 24 3.72 -29.34 -4.17
N ASN D 25 3.02 -30.05 -5.05
CA ASN D 25 3.59 -30.41 -6.35
C ASN D 25 3.90 -29.14 -7.15
N ASN D 26 5.17 -28.95 -7.49
CA ASN D 26 5.60 -27.76 -8.23
C ASN D 26 5.15 -26.46 -7.58
N ILE D 27 5.17 -26.43 -6.25
CA ILE D 27 4.70 -25.26 -5.52
C ILE D 27 5.57 -24.04 -5.84
N GLY D 28 6.81 -24.28 -6.26
CA GLY D 28 7.70 -23.21 -6.66
C GLY D 28 7.20 -22.39 -7.85
N THR D 29 6.27 -22.94 -8.62
CA THR D 29 5.72 -22.21 -9.77
C THR D 29 4.54 -21.31 -9.41
N LYS D 30 4.04 -21.39 -8.17
CA LYS D 30 2.92 -20.58 -7.70
C LYS D 30 3.41 -19.57 -6.66
N VAL D 31 2.74 -18.43 -6.50
CA VAL D 31 3.04 -17.58 -5.36
C VAL D 31 2.31 -18.08 -4.12
N LEU D 32 3.01 -18.04 -2.99
CA LEU D 32 2.50 -18.61 -1.76
C LEU D 32 2.42 -17.55 -0.68
N HIS D 33 1.40 -17.64 0.17
CA HIS D 33 1.17 -16.63 1.18
C HIS D 33 0.99 -17.32 2.55
N TRP D 34 1.23 -16.59 3.62
CA TRP D 34 1.24 -17.18 4.95
C TRP D 34 0.50 -16.32 5.95
N TYR D 35 -0.17 -17.00 6.89
CA TYR D 35 -0.96 -16.35 7.94
C TYR D 35 -0.54 -16.86 9.31
N GLN D 36 -0.59 -15.96 10.28
CA GLN D 36 -0.36 -16.31 11.68
C GLN D 36 -1.69 -16.20 12.37
N GLN D 37 -2.04 -17.19 13.18
CA GLN D 37 -3.28 -17.09 13.95
C GLN D 37 -3.05 -17.42 15.41
N THR D 38 -3.28 -16.44 16.26
CA THR D 38 -3.17 -16.59 17.70
C THR D 38 -4.51 -17.13 18.19
N PRO D 39 -4.50 -18.00 19.21
CA PRO D 39 -5.74 -18.55 19.76
C PRO D 39 -6.80 -17.49 20.02
N GLY D 40 -7.98 -17.69 19.45
CA GLY D 40 -9.12 -16.81 19.67
C GLY D 40 -9.21 -15.57 18.80
N GLN D 41 -8.30 -15.43 17.84
CA GLN D 41 -8.24 -14.24 17.01
C GLN D 41 -8.27 -14.62 15.53
N ALA D 42 -8.63 -13.66 14.69
CA ALA D 42 -8.58 -13.85 13.25
C ALA D 42 -7.13 -13.99 12.79
N PRO D 43 -6.91 -14.75 11.70
CA PRO D 43 -5.57 -14.82 11.12
C PRO D 43 -5.08 -13.46 10.66
N VAL D 44 -3.76 -13.31 10.65
CA VAL D 44 -3.10 -12.11 10.17
C VAL D 44 -2.13 -12.51 9.05
N LEU D 45 -2.17 -11.77 7.94
CA LEU D 45 -1.24 -11.99 6.83
C LEU D 45 0.18 -11.63 7.26
N VAL D 46 1.11 -12.57 7.15
CA VAL D 46 2.50 -12.24 7.53
C VAL D 46 3.47 -12.23 6.36
N VAL D 47 3.21 -13.04 5.33
CA VAL D 47 4.02 -13.07 4.11
C VAL D 47 3.08 -13.23 2.92
N TYR D 48 3.33 -12.47 1.86
CA TYR D 48 2.61 -12.69 0.61
C TYR D 48 3.60 -12.74 -0.52
N ASP D 49 3.17 -13.31 -1.65
CA ASP D 49 4.03 -13.38 -2.84
C ASP D 49 5.38 -14.04 -2.54
N ASP D 50 5.30 -15.16 -1.82
CA ASP D 50 6.44 -15.99 -1.41
C ASP D 50 7.29 -15.39 -0.30
N SER D 51 7.61 -14.11 -0.40
CA SER D 51 8.67 -13.55 0.42
C SER D 51 8.48 -12.09 0.84
N ASP D 52 7.35 -11.49 0.50
CA ASP D 52 7.14 -10.09 0.87
C ASP D 52 6.35 -9.95 2.16
N ARG D 53 6.65 -8.89 2.92
CA ARG D 53 5.98 -8.66 4.20
C ARG D 53 5.08 -7.44 4.11
N PRO D 54 3.86 -7.55 4.62
CA PRO D 54 2.99 -6.39 4.78
C PRO D 54 3.66 -5.41 5.74
N SER D 55 3.33 -4.14 5.60
CA SER D 55 3.84 -3.15 6.54
C SER D 55 3.43 -3.55 7.96
N GLY D 56 4.33 -3.39 8.92
CA GLY D 56 4.01 -3.71 10.30
C GLY D 56 4.42 -5.10 10.75
N ILE D 57 4.75 -5.97 9.80
CA ILE D 57 5.24 -7.31 10.12
C ILE D 57 6.76 -7.29 10.27
N PRO D 58 7.26 -7.78 11.41
CA PRO D 58 8.71 -7.73 11.69
C PRO D 58 9.55 -8.46 10.64
N GLU D 59 10.74 -7.91 10.38
CA GLU D 59 11.67 -8.51 9.44
C GLU D 59 12.12 -9.93 9.81
N ARG D 60 11.90 -10.33 11.07
CA ARG D 60 12.14 -11.70 11.53
C ARG D 60 11.36 -12.75 10.75
N PHE D 61 10.24 -12.35 10.15
CA PHE D 61 9.42 -13.25 9.38
C PHE D 61 9.85 -13.17 7.93
N SER D 62 10.29 -14.29 7.37
CA SER D 62 10.68 -14.28 5.97
C SER D 62 10.14 -15.55 5.30
N GLY D 63 10.03 -15.52 3.97
CA GLY D 63 9.50 -16.65 3.26
C GLY D 63 10.36 -16.99 2.06
N SER D 64 10.28 -18.25 1.65
CA SER D 64 10.96 -18.73 0.47
C SER D 64 10.10 -19.78 -0.20
N ASN D 65 10.33 -20.00 -1.48
CA ASN D 65 9.53 -20.97 -2.23
C ASN D 65 10.33 -21.43 -3.42
N SER D 66 10.55 -22.74 -3.53
CA SER D 66 11.20 -23.31 -4.71
C SER D 66 10.89 -24.79 -4.80
N GLY D 67 10.95 -25.32 -6.03
CA GLY D 67 10.75 -26.76 -6.24
C GLY D 67 9.41 -27.23 -5.72
N ASN D 68 9.46 -28.18 -4.77
CA ASN D 68 8.24 -28.74 -4.21
C ASN D 68 7.99 -28.35 -2.76
N THR D 69 8.76 -27.40 -2.25
CA THR D 69 8.56 -26.98 -0.87
C THR D 69 8.79 -25.49 -0.64
N ALA D 70 7.89 -24.87 0.12
CA ALA D 70 7.98 -23.48 0.49
C ALA D 70 8.20 -23.45 1.99
N THR D 71 8.77 -22.36 2.49
CA THR D 71 9.16 -22.31 3.90
C THR D 71 8.90 -20.93 4.50
N LEU D 72 8.27 -20.92 5.66
CA LEU D 72 8.18 -19.71 6.47
C LEU D 72 9.28 -19.82 7.51
N THR D 73 10.16 -18.82 7.55
CA THR D 73 11.26 -18.81 8.49
C THR D 73 11.03 -17.71 9.51
N ILE D 74 11.09 -18.04 10.79
CA ILE D 74 10.97 -17.01 11.80
C ILE D 74 12.29 -16.97 12.57
N SER D 75 13.03 -15.89 12.41
CA SER D 75 14.31 -15.72 13.09
C SER D 75 14.12 -15.18 14.50
N ARG D 76 15.07 -15.51 15.38
CA ARG D 76 15.09 -15.04 16.75
C ARG D 76 13.73 -15.21 17.41
N VAL D 77 13.25 -16.45 17.39
CA VAL D 77 11.89 -16.76 17.86
C VAL D 77 11.66 -16.32 19.32
N GLU D 78 10.47 -15.79 19.58
CA GLU D 78 10.07 -15.39 20.92
C GLU D 78 8.86 -16.22 21.34
N VAL D 79 8.64 -16.32 22.64
CA VAL D 79 7.49 -17.06 23.17
C VAL D 79 6.19 -16.49 22.60
N GLY D 80 6.16 -15.18 22.39
CA GLY D 80 5.00 -14.53 21.79
C GLY D 80 4.68 -14.95 20.36
N ASP D 81 5.60 -15.68 19.72
CA ASP D 81 5.37 -16.15 18.36
C ASP D 81 4.57 -17.44 18.31
N GLU D 82 4.30 -18.03 19.47
CA GLU D 82 3.44 -19.21 19.51
C GLU D 82 2.09 -18.88 18.90
N ALA D 83 1.70 -19.70 17.92
CA ALA D 83 0.52 -19.47 17.13
C ALA D 83 0.40 -20.63 16.14
N ASP D 84 -0.69 -20.63 15.39
CA ASP D 84 -0.84 -21.56 14.28
C ASP D 84 -0.50 -20.79 13.02
N TYR D 85 0.26 -21.41 12.13
CA TYR D 85 0.70 -20.75 10.90
C TYR D 85 0.17 -21.54 9.72
N TYR D 86 -0.43 -20.83 8.74
CA TYR D 86 -1.06 -21.48 7.59
C TYR D 86 -0.45 -20.96 6.29
N CYS D 87 -0.12 -21.86 5.37
CA CYS D 87 0.24 -21.44 4.02
C CYS D 87 -1.02 -21.46 3.14
N GLN D 88 -0.98 -20.72 2.04
CA GLN D 88 -2.15 -20.59 1.21
C GLN D 88 -1.75 -20.27 -0.22
N VAL D 89 -2.42 -20.91 -1.18
CA VAL D 89 -2.24 -20.57 -2.59
CA VAL D 89 -2.21 -20.63 -2.59
C VAL D 89 -3.57 -20.39 -3.27
N TRP D 90 -3.54 -19.84 -4.47
CA TRP D 90 -4.72 -19.80 -5.32
C TRP D 90 -4.50 -20.81 -6.44
N ASP D 91 -5.40 -21.77 -6.53
CA ASP D 91 -5.31 -22.81 -7.54
C ASP D 91 -5.99 -22.34 -8.82
N ILE D 92 -5.17 -22.01 -9.82
CA ILE D 92 -5.72 -21.48 -11.07
C ILE D 92 -6.55 -22.50 -11.84
N SER D 93 -6.24 -23.79 -11.72
CA SER D 93 -6.98 -24.78 -12.48
C SER D 93 -8.42 -24.94 -12.00
N THR D 94 -8.69 -24.53 -10.75
CA THR D 94 -10.04 -24.70 -10.21
C THR D 94 -10.63 -23.42 -9.62
N ASP D 95 -9.91 -22.32 -9.75
CA ASP D 95 -10.41 -21.01 -9.30
C ASP D 95 -10.82 -21.02 -7.83
N GLN D 96 -9.92 -21.44 -6.96
CA GLN D 96 -10.22 -21.50 -5.54
C GLN D 96 -8.97 -21.34 -4.71
N ALA D 97 -9.12 -20.83 -3.48
CA ALA D 97 -7.99 -20.74 -2.56
C ALA D 97 -7.88 -22.01 -1.76
N VAL D 98 -6.64 -22.45 -1.57
CA VAL D 98 -6.33 -23.67 -0.83
C VAL D 98 -5.44 -23.30 0.33
N PHE D 99 -5.77 -23.82 1.52
CA PHE D 99 -4.93 -23.67 2.70
C PHE D 99 -4.24 -24.99 3.04
N GLY D 100 -3.03 -24.89 3.58
CA GLY D 100 -2.44 -26.01 4.30
C GLY D 100 -3.23 -26.27 5.58
N GLY D 101 -2.92 -27.38 6.26
CA GLY D 101 -3.67 -27.77 7.43
C GLY D 101 -3.28 -27.02 8.70
N GLY D 102 -2.25 -26.19 8.59
CA GLY D 102 -1.76 -25.40 9.69
C GLY D 102 -0.68 -26.11 10.49
N THR D 103 0.24 -25.30 11.02
CA THR D 103 1.33 -25.77 11.86
C THR D 103 1.31 -25.01 13.17
N LYS D 104 1.19 -25.73 14.30
CA LYS D 104 1.33 -25.08 15.60
C LYS D 104 2.78 -24.94 16.02
N LEU D 105 3.22 -23.71 16.27
CA LEU D 105 4.56 -23.44 16.73
C LEU D 105 4.60 -23.46 18.25
N THR D 106 5.45 -24.33 18.79
CA THR D 106 5.70 -24.37 20.23
C THR D 106 7.11 -23.85 20.48
N VAL D 107 7.24 -22.90 21.40
CA VAL D 107 8.53 -22.39 21.79
C VAL D 107 8.96 -23.13 23.05
N LEU D 108 10.09 -23.82 22.95
CA LEU D 108 10.59 -24.66 24.04
C LEU D 108 11.15 -23.85 25.20
N GLY D 109 11.40 -24.53 26.32
CA GLY D 109 12.10 -23.92 27.43
C GLY D 109 11.25 -23.18 28.45
N GLN D 110 9.95 -23.09 28.22
CA GLN D 110 9.10 -22.39 29.16
C GLN D 110 9.00 -23.21 30.45
N PRO D 111 9.12 -22.52 31.59
CA PRO D 111 9.22 -23.23 32.87
C PRO D 111 7.90 -23.87 33.28
N LYS D 112 8.00 -24.97 34.03
CA LYS D 112 6.80 -25.57 34.58
C LYS D 112 6.14 -24.58 35.52
N ALA D 113 4.81 -24.54 35.45
CA ALA D 113 4.03 -23.68 36.32
C ALA D 113 2.87 -24.51 36.89
N ALA D 114 2.80 -24.65 38.21
CA ALA D 114 1.68 -25.37 38.78
C ALA D 114 0.37 -24.58 38.70
N PRO D 115 -0.77 -25.28 38.58
CA PRO D 115 -2.04 -24.58 38.46
C PRO D 115 -2.43 -23.83 39.73
N SER D 116 -3.02 -22.66 39.53
CA SER D 116 -3.78 -21.99 40.58
C SER D 116 -5.18 -22.53 40.52
N VAL D 117 -5.71 -22.91 41.68
CA VAL D 117 -7.03 -23.52 41.74
C VAL D 117 -7.92 -22.72 42.69
N THR D 118 -9.10 -22.33 42.19
CA THR D 118 -10.09 -21.67 43.02
C THR D 118 -11.38 -22.48 42.96
N LEU D 119 -11.92 -22.83 44.13
CA LEU D 119 -13.12 -23.64 44.18
C LEU D 119 -14.22 -22.87 44.89
N PHE D 120 -15.38 -22.77 44.25
CA PHE D 120 -16.53 -22.09 44.86
C PHE D 120 -17.62 -23.09 45.17
N PRO D 121 -18.28 -22.93 46.33
CA PRO D 121 -19.44 -23.74 46.70
C PRO D 121 -20.69 -23.23 45.96
N PRO D 122 -21.80 -23.97 46.04
CA PRO D 122 -23.04 -23.45 45.46
C PRO D 122 -23.47 -22.17 46.15
N SER D 123 -24.04 -21.24 45.39
CA SER D 123 -24.54 -19.99 45.94
C SER D 123 -25.87 -20.24 46.68
N SER D 124 -26.18 -19.36 47.63
CA SER D 124 -27.46 -19.45 48.32
C SER D 124 -28.58 -19.35 47.30
N GLU D 125 -28.38 -18.50 46.30
CA GLU D 125 -29.39 -18.29 45.27
C GLU D 125 -29.68 -19.59 44.49
N GLU D 126 -28.63 -20.32 44.13
CA GLU D 126 -28.82 -21.55 43.39
C GLU D 126 -29.50 -22.62 44.24
N LEU D 127 -29.08 -22.73 45.49
CA LEU D 127 -29.69 -23.68 46.41
C LEU D 127 -31.19 -23.40 46.56
N GLN D 128 -31.56 -22.12 46.61
CA GLN D 128 -32.96 -21.71 46.68
C GLN D 128 -33.75 -22.20 45.48
N ALA D 129 -33.06 -22.33 44.34
CA ALA D 129 -33.67 -22.79 43.10
C ALA D 129 -33.57 -24.30 42.96
N ASN D 130 -33.20 -24.95 44.05
CA ASN D 130 -33.17 -26.42 44.17
C ASN D 130 -32.09 -27.05 43.29
N LYS D 131 -30.97 -26.35 43.13
CA LYS D 131 -29.85 -26.89 42.36
C LYS D 131 -28.54 -26.58 43.10
N ALA D 132 -27.44 -27.18 42.67
CA ALA D 132 -26.17 -26.93 43.33
C ALA D 132 -25.04 -27.24 42.38
N THR D 133 -24.18 -26.25 42.15
CA THR D 133 -23.03 -26.47 41.30
C THR D 133 -21.77 -26.04 42.02
N LEU D 134 -20.76 -26.92 42.05
CA LEU D 134 -19.43 -26.58 42.54
CA LEU D 134 -19.45 -26.54 42.55
C LEU D 134 -18.59 -26.17 41.36
N VAL D 135 -17.81 -25.09 41.50
CA VAL D 135 -17.09 -24.52 40.36
C VAL D 135 -15.62 -24.52 40.68
N CYS D 136 -14.84 -25.29 39.91
CA CYS D 136 -13.40 -25.40 40.13
C CYS D 136 -12.68 -24.76 38.96
N LEU D 137 -12.02 -23.62 39.23
CA LEU D 137 -11.36 -22.86 38.17
C LEU D 137 -9.85 -23.03 38.27
N ILE D 138 -9.23 -23.33 37.14
CA ILE D 138 -7.85 -23.81 37.13
C ILE D 138 -7.08 -22.95 36.12
N SER D 139 -6.05 -22.26 36.58
CA SER D 139 -5.37 -21.36 35.64
C SER D 139 -3.87 -21.29 35.84
N ASP D 140 -3.21 -20.67 34.87
CA ASP D 140 -1.78 -20.39 34.93
C ASP D 140 -0.91 -21.63 35.04
N PHE D 141 -1.34 -22.73 34.43
CA PHE D 141 -0.50 -23.92 34.44
C PHE D 141 0.28 -24.11 33.13
N TYR D 142 1.45 -24.72 33.24
CA TYR D 142 2.26 -25.04 32.07
C TYR D 142 3.12 -26.25 32.40
N PRO D 143 3.17 -27.25 31.52
CA PRO D 143 2.51 -27.39 30.21
C PRO D 143 1.01 -27.60 30.32
N GLY D 144 0.36 -27.65 29.17
CA GLY D 144 -1.08 -27.50 29.11
C GLY D 144 -1.95 -28.73 29.25
N ALA D 145 -1.77 -29.47 30.33
CA ALA D 145 -2.68 -30.58 30.62
C ALA D 145 -2.79 -30.76 32.12
N VAL D 146 -4.02 -30.96 32.59
CA VAL D 146 -4.27 -31.39 33.96
C VAL D 146 -5.29 -32.51 33.96
N THR D 147 -5.38 -33.23 35.09
CA THR D 147 -6.50 -34.12 35.30
C THR D 147 -7.17 -33.68 36.59
N VAL D 148 -8.49 -33.78 36.62
CA VAL D 148 -9.28 -33.30 37.75
C VAL D 148 -10.04 -34.47 38.37
N ALA D 149 -9.98 -34.58 39.69
CA ALA D 149 -10.75 -35.57 40.42
C ALA D 149 -11.52 -34.87 41.52
N TRP D 150 -12.76 -35.29 41.74
CA TRP D 150 -13.58 -34.71 42.78
C TRP D 150 -13.86 -35.74 43.86
N LYS D 151 -14.01 -35.25 45.08
CA LYS D 151 -14.33 -36.12 46.21
C LYS D 151 -15.47 -35.53 47.01
N ALA D 152 -16.37 -36.41 47.46
CA ALA D 152 -17.41 -36.04 48.42
C ALA D 152 -16.92 -36.63 49.73
N ASP D 153 -16.58 -35.79 50.72
CA ASP D 153 -15.78 -36.24 51.86
C ASP D 153 -14.53 -36.94 51.31
N SER D 154 -14.38 -38.24 51.53
CA SER D 154 -13.21 -38.97 50.99
C SER D 154 -13.55 -39.86 49.80
N SER D 155 -14.80 -39.82 49.34
CA SER D 155 -15.24 -40.74 48.29
C SER D 155 -15.11 -40.13 46.92
N PRO D 156 -14.40 -40.78 46.00
CA PRO D 156 -14.37 -40.27 44.63
C PRO D 156 -15.77 -40.13 44.03
N VAL D 157 -16.00 -39.02 43.32
CA VAL D 157 -17.23 -38.77 42.61
C VAL D 157 -16.91 -38.62 41.12
N LYS D 158 -17.60 -39.32 40.23
CA LYS D 158 -17.47 -38.97 38.80
C LYS D 158 -18.79 -38.62 38.11
N ALA D 159 -19.90 -39.05 38.68
CA ALA D 159 -21.19 -38.62 38.18
C ALA D 159 -21.37 -37.14 38.45
N GLY D 160 -21.84 -36.42 37.44
CA GLY D 160 -22.12 -35.01 37.60
C GLY D 160 -20.93 -34.12 37.33
N VAL D 161 -19.81 -34.69 36.89
CA VAL D 161 -18.61 -33.91 36.62
C VAL D 161 -18.48 -33.57 35.13
N GLU D 162 -18.27 -32.30 34.83
CA GLU D 162 -17.97 -31.88 33.46
C GLU D 162 -16.77 -30.95 33.46
N THR D 163 -15.77 -31.30 32.67
CA THR D 163 -14.48 -30.60 32.67
C THR D 163 -14.13 -30.14 31.27
N THR D 164 -13.65 -28.91 31.17
CA THR D 164 -13.26 -28.39 29.86
C THR D 164 -11.92 -28.94 29.41
N THR D 165 -11.66 -28.80 28.11
CA THR D 165 -10.33 -28.97 27.56
C THR D 165 -9.45 -27.86 28.09
N PRO D 166 -8.12 -28.03 28.02
CA PRO D 166 -7.28 -26.90 28.41
C PRO D 166 -7.26 -25.85 27.30
N SER D 167 -7.21 -24.59 27.68
CA SER D 167 -7.16 -23.52 26.69
C SER D 167 -5.94 -22.65 26.91
N LYS D 168 -5.35 -22.18 25.80
CA LYS D 168 -4.17 -21.34 25.85
C LYS D 168 -4.56 -19.92 26.33
N GLN D 169 -3.92 -19.47 27.39
CA GLN D 169 -4.09 -18.12 27.90
C GLN D 169 -3.22 -17.14 27.11
N SER D 170 -3.50 -15.86 27.28
CA SER D 170 -2.73 -14.83 26.55
C SER D 170 -1.27 -14.76 27.02
N ASN D 171 -1.01 -15.27 28.22
CA ASN D 171 0.36 -15.31 28.74
C ASN D 171 1.09 -16.62 28.44
N ASN D 172 0.53 -17.41 27.53
CA ASN D 172 1.08 -18.68 27.08
C ASN D 172 0.96 -19.86 28.04
N LYS D 173 0.41 -19.60 29.24
CA LYS D 173 0.06 -20.67 30.17
C LYS D 173 -1.36 -21.15 29.83
N TYR D 174 -1.93 -22.05 30.63
CA TYR D 174 -3.19 -22.66 30.26
C TYR D 174 -4.23 -22.58 31.37
N ALA D 175 -5.50 -22.67 30.97
CA ALA D 175 -6.62 -22.64 31.89
C ALA D 175 -7.59 -23.76 31.59
N ALA D 176 -8.34 -24.18 32.61
CA ALA D 176 -9.41 -25.14 32.44
C ALA D 176 -10.43 -24.93 33.55
N SER D 177 -11.60 -25.52 33.42
CA SER D 177 -12.52 -25.48 34.55
C SER D 177 -13.27 -26.79 34.66
N SER D 178 -13.74 -27.08 35.87
CA SER D 178 -14.50 -28.30 36.08
C SER D 178 -15.69 -27.96 36.98
N TYR D 179 -16.82 -28.54 36.64
CA TYR D 179 -18.07 -28.27 37.35
C TYR D 179 -18.63 -29.56 37.87
N LEU D 180 -19.05 -29.54 39.13
CA LEU D 180 -19.72 -30.71 39.72
C LEU D 180 -21.15 -30.34 40.04
N SER D 181 -22.09 -31.03 39.40
CA SER D 181 -23.50 -30.83 39.65
C SER D 181 -23.99 -31.79 40.72
N LEU D 182 -24.63 -31.24 41.75
CA LEU D 182 -25.17 -32.02 42.86
C LEU D 182 -26.60 -31.62 43.12
N THR D 183 -27.32 -32.45 43.86
CA THR D 183 -28.57 -31.98 44.45
C THR D 183 -28.26 -31.24 45.76
N PRO D 184 -29.18 -30.36 46.18
CA PRO D 184 -28.99 -29.73 47.49
C PRO D 184 -28.85 -30.77 48.61
N GLU D 185 -29.53 -31.90 48.48
CA GLU D 185 -29.45 -32.96 49.49
C GLU D 185 -28.04 -33.54 49.57
N GLN D 186 -27.44 -33.76 48.41
CA GLN D 186 -26.06 -34.28 48.36
C GLN D 186 -25.10 -33.27 48.98
N TRP D 187 -25.26 -32.00 48.65
CA TRP D 187 -24.42 -30.96 49.23
C TRP D 187 -24.51 -30.97 50.74
N LYS D 188 -25.74 -31.10 51.26
CA LYS D 188 -25.97 -31.01 52.69
C LYS D 188 -25.52 -32.25 53.48
N SER D 189 -25.40 -33.38 52.79
CA SER D 189 -25.15 -34.61 53.53
CA SER D 189 -25.15 -34.68 53.40
C SER D 189 -23.68 -34.96 53.70
N HIS D 190 -22.80 -34.11 53.18
CA HIS D 190 -21.37 -34.31 53.34
C HIS D 190 -20.75 -33.18 54.15
N ARG D 191 -19.61 -33.43 54.77
CA ARG D 191 -18.89 -32.39 55.49
C ARG D 191 -18.14 -31.48 54.53
N SER D 192 -17.69 -32.02 53.40
CA SER D 192 -16.95 -31.22 52.42
C SER D 192 -16.93 -31.89 51.07
N TYR D 193 -16.60 -31.09 50.05
CA TYR D 193 -16.26 -31.61 48.74
C TYR D 193 -14.91 -31.04 48.32
N SER D 194 -14.17 -31.80 47.52
CA SER D 194 -12.82 -31.38 47.15
C SER D 194 -12.66 -31.47 45.65
N CYS D 195 -11.97 -30.48 45.09
CA CYS D 195 -11.51 -30.53 43.71
C CYS D 195 -10.01 -30.75 43.75
N GLN D 196 -9.54 -31.84 43.14
CA GLN D 196 -8.12 -32.22 43.17
C GLN D 196 -7.56 -32.12 41.75
N VAL D 197 -6.63 -31.21 41.55
CA VAL D 197 -6.08 -30.98 40.21
C VAL D 197 -4.65 -31.52 40.15
N THR D 198 -4.42 -32.50 39.29
CA THR D 198 -3.09 -33.07 39.15
C THR D 198 -2.41 -32.54 37.90
N HIS D 199 -1.19 -32.07 38.08
CA HIS D 199 -0.41 -31.48 36.99
C HIS D 199 1.03 -31.96 37.08
N GLU D 200 1.49 -32.60 36.01
CA GLU D 200 2.86 -33.13 35.94
C GLU D 200 3.21 -33.85 37.23
N GLY D 201 2.29 -34.68 37.70
CA GLY D 201 2.54 -35.53 38.86
C GLY D 201 2.34 -34.91 40.24
N SER D 202 1.97 -33.63 40.31
CA SER D 202 1.77 -32.97 41.59
C SER D 202 0.31 -32.54 41.71
N THR D 203 -0.31 -32.80 42.86
CA THR D 203 -1.73 -32.48 43.00
C THR D 203 -1.97 -31.27 43.89
N VAL D 204 -2.82 -30.36 43.39
CA VAL D 204 -3.28 -29.22 44.16
C VAL D 204 -4.75 -29.43 44.53
N GLU D 205 -5.07 -29.33 45.81
CA GLU D 205 -6.42 -29.63 46.27
C GLU D 205 -7.08 -28.42 46.92
N LYS D 206 -8.35 -28.16 46.58
CA LYS D 206 -9.15 -27.17 47.30
C LYS D 206 -10.41 -27.83 47.80
N THR D 207 -10.94 -27.34 48.92
CA THR D 207 -12.09 -27.96 49.53
CA THR D 207 -12.10 -27.95 49.56
C THR D 207 -13.11 -26.88 49.95
N VAL D 208 -14.41 -27.19 49.85
CA VAL D 208 -15.45 -26.30 50.33
C VAL D 208 -16.45 -27.11 51.17
N ALA D 209 -17.20 -26.41 52.03
CA ALA D 209 -18.11 -27.06 52.98
C ALA D 209 -19.39 -26.25 53.11
N PRO D 210 -20.51 -26.94 53.39
CA PRO D 210 -21.76 -26.23 53.70
C PRO D 210 -21.51 -25.31 54.91
N THR D 211 -21.99 -24.06 54.84
CA THR D 211 -21.62 -23.06 55.85
C THR D 211 -22.77 -22.72 56.81
#